data_7FCO
#
_entry.id   7FCO
#
_cell.length_a   187.651
_cell.length_b   53.076
_cell.length_c   83.821
_cell.angle_alpha   90.000
_cell.angle_beta   90.000
_cell.angle_gamma   90.000
#
_symmetry.space_group_name_H-M   'P 21 21 21'
#
loop_
_entity.id
_entity.type
_entity.pdbx_description
1 polymer ChlB4
2 non-polymer 'FLAVIN-ADENINE DINUCLEOTIDE'
3 non-polymer 'CHLORIDE ION'
#
_entity_poly.entity_id   1
_entity_poly.type   'polypeptide(L)'
_entity_poly.pdbx_seq_one_letter_code
;MQPDFDAAIVGGGPAGSAMASYLAEAGLSVAVFESEMFPRPHIGESLVPATMPVLDEIGVMPDIEAAGFPKKYGAAWTSA
ESRDVPHNGFTGLDHDFKAAEVMFVERDQPGVHRDYTFHVDRGKFDLILLKHAESRGAQVFQKTRVLKADFDTDPDLVTL
NCRLGPRTLDFTTRMVIDASGRQTMLGNQLKVKVPDPVFNQYAIHAWFEGLDRTAMALDPAKRDYIYVHFLPLEDTWMWQ
IPITDTITSVGVVTQKHRFKAASADREKFFWDIVSSRKDIYDALQKAERIRPFKAEGDYSYAMRQICGDRFLLIGDAARF
VDPIFSSGVSVALNSARLAAKDVIAAHRAGDFRKESFATYEEKLRRAVRNWYEFISVYYRLNILFTAFVQDPRYRIDVLK
MLQGDFYDGEEPKALKAMRDLVTKVENDPEHLWHPYLGTLRAPSAAPTF
;
_entity_poly.pdbx_strand_id   A,B
#
# COMPACT_ATOMS: atom_id res chain seq x y z
N GLN A 2 20.00 11.40 28.07
CA GLN A 2 18.59 11.10 27.65
C GLN A 2 18.53 10.14 26.46
N PRO A 3 17.64 9.14 26.53
CA PRO A 3 17.61 8.19 25.44
C PRO A 3 16.74 8.71 24.30
N ASP A 4 16.97 8.23 23.09
CA ASP A 4 16.18 8.66 21.95
C ASP A 4 14.73 8.28 22.14
N PHE A 5 14.49 7.04 22.55
CA PHE A 5 13.12 6.54 22.73
C PHE A 5 12.96 5.83 24.05
N ASP A 6 11.71 5.71 24.48
CA ASP A 6 11.32 4.95 25.66
C ASP A 6 11.30 3.46 25.33
N ALA A 7 10.77 3.15 24.14
CA ALA A 7 10.83 1.80 23.59
C ALA A 7 11.26 1.78 22.14
N ALA A 8 11.95 0.71 21.77
CA ALA A 8 12.38 0.50 20.39
C ALA A 8 11.95 -0.88 19.98
N ILE A 9 11.35 -0.98 18.80
CA ILE A 9 10.76 -2.21 18.34
C ILE A 9 11.45 -2.72 17.10
N VAL A 10 11.88 -3.97 17.14
CA VAL A 10 12.65 -4.56 16.05
C VAL A 10 11.76 -5.43 15.17
N GLY A 11 11.41 -4.91 13.99
CA GLY A 11 10.48 -5.59 13.07
C GLY A 11 9.16 -4.86 13.02
N GLY A 12 8.60 -4.72 11.81
CA GLY A 12 7.32 -4.01 11.61
C GLY A 12 6.16 -4.84 11.06
N GLY A 13 6.20 -6.13 11.26
CA GLY A 13 5.04 -6.96 10.99
C GLY A 13 3.94 -6.71 11.99
N PRO A 14 2.93 -7.59 12.00
CA PRO A 14 1.75 -7.47 12.85
C PRO A 14 2.04 -7.35 14.35
N ALA A 15 3.05 -8.07 14.84
CA ALA A 15 3.46 -7.94 16.25
C ALA A 15 4.04 -6.54 16.51
N GLY A 16 5.05 -6.15 15.72
CA GLY A 16 5.69 -4.85 15.85
C GLY A 16 4.74 -3.66 15.71
N SER A 17 3.95 -3.64 14.64
CA SER A 17 3.03 -2.52 14.34
C SER A 17 2.02 -2.36 15.45
N ALA A 18 1.43 -3.48 15.86
CA ALA A 18 0.44 -3.51 16.94
C ALA A 18 1.00 -2.98 18.27
N MET A 19 2.17 -3.48 18.63
CA MET A 19 2.85 -3.03 19.84
C MET A 19 3.08 -1.51 19.80
N ALA A 20 3.65 -1.04 18.72
CA ALA A 20 3.93 0.38 18.58
C ALA A 20 2.67 1.23 18.72
N SER A 21 1.60 0.78 18.11
CA SER A 21 0.39 1.58 18.08
C SER A 21 -0.13 1.68 19.49
N TYR A 22 -0.12 0.56 20.23
CA TYR A 22 -0.52 0.55 21.66
C TYR A 22 0.35 1.45 22.52
N LEU A 23 1.64 1.43 22.27
CA LEU A 23 2.60 2.20 23.08
C LEU A 23 2.51 3.68 22.81
N ALA A 24 2.24 4.06 21.55
CA ALA A 24 2.09 5.46 21.20
C ALA A 24 0.81 6.04 21.80
N GLU A 25 -0.32 5.34 21.61
CA GLU A 25 -1.58 5.69 22.28
C GLU A 25 -1.35 6.00 23.76
N ALA A 26 -0.54 5.16 24.40
CA ALA A 26 -0.30 5.26 25.85
C ALA A 26 0.63 6.38 26.25
N GLY A 27 1.27 7.04 25.28
CA GLY A 27 2.06 8.24 25.55
C GLY A 27 3.56 8.05 25.54
N LEU A 28 4.02 6.84 25.23
CA LEU A 28 5.47 6.60 25.09
C LEU A 28 6.04 7.08 23.75
N SER A 29 7.28 7.53 23.82
CA SER A 29 8.10 7.75 22.66
C SER A 29 8.48 6.38 22.11
N VAL A 30 8.06 6.06 20.88
CA VAL A 30 8.28 4.73 20.32
C VAL A 30 8.92 4.76 18.96
N ALA A 31 9.85 3.81 18.72
CA ALA A 31 10.45 3.65 17.41
C ALA A 31 10.28 2.23 16.88
N VAL A 32 9.99 2.13 15.58
CA VAL A 32 9.92 0.83 14.93
C VAL A 32 10.93 0.75 13.81
N PHE A 33 11.75 -0.29 13.85
CA PHE A 33 12.73 -0.52 12.85
C PHE A 33 12.33 -1.69 11.99
N GLU A 34 12.33 -1.50 10.68
CA GLU A 34 11.97 -2.52 9.72
C GLU A 34 13.00 -2.51 8.59
N SER A 35 13.62 -3.66 8.35
CA SER A 35 14.71 -3.77 7.39
C SER A 35 14.24 -3.73 5.96
N GLU A 36 12.99 -4.11 5.71
CA GLU A 36 12.42 -4.15 4.36
C GLU A 36 11.73 -2.84 4.06
N MET A 37 11.33 -2.67 2.80
CA MET A 37 10.39 -1.62 2.41
C MET A 37 9.04 -2.20 2.10
N PHE A 38 8.00 -1.67 2.74
CA PHE A 38 6.64 -2.15 2.55
C PHE A 38 5.98 -1.48 1.35
N PRO A 39 5.12 -2.21 0.64
CA PRO A 39 4.67 -3.58 0.89
C PRO A 39 5.69 -4.61 0.42
N ARG A 40 5.78 -5.70 1.16
CA ARG A 40 6.72 -6.78 0.87
C ARG A 40 5.99 -8.07 1.05
N PRO A 41 6.19 -9.02 0.13
CA PRO A 41 5.52 -10.31 0.23
C PRO A 41 5.89 -11.04 1.53
N HIS A 42 4.94 -11.80 2.04
CA HIS A 42 5.13 -12.52 3.28
C HIS A 42 4.08 -13.58 3.41
N ILE A 43 4.51 -14.75 3.80
CA ILE A 43 3.58 -15.85 4.03
C ILE A 43 2.70 -15.61 5.26
N GLY A 44 1.54 -16.23 5.30
CA GLY A 44 0.71 -16.22 6.51
C GLY A 44 -0.50 -15.34 6.39
N GLU A 45 -1.47 -15.83 5.61
CA GLU A 45 -2.49 -15.01 4.96
C GLU A 45 -3.88 -15.13 5.55
N SER A 46 -4.22 -16.28 6.10
CA SER A 46 -5.59 -16.51 6.55
C SER A 46 -5.72 -16.28 8.04
N LEU A 47 -6.55 -15.32 8.43
CA LEU A 47 -6.65 -14.89 9.83
C LEU A 47 -7.68 -15.70 10.56
N VAL A 48 -7.65 -15.62 11.89
CA VAL A 48 -8.71 -16.17 12.71
C VAL A 48 -9.29 -15.02 13.51
N PRO A 49 -10.51 -15.19 14.03
CA PRO A 49 -11.25 -14.06 14.56
C PRO A 49 -10.65 -13.40 15.78
N ALA A 50 -9.78 -14.10 16.51
CA ALA A 50 -9.05 -13.45 17.63
C ALA A 50 -8.14 -12.27 17.21
N THR A 51 -7.93 -12.08 15.91
CA THR A 51 -7.22 -10.89 15.42
C THR A 51 -8.06 -9.63 15.66
N MET A 52 -9.38 -9.77 15.50
CA MET A 52 -10.28 -8.65 15.28
C MET A 52 -10.35 -7.69 16.48
N PRO A 53 -10.41 -8.23 17.71
CA PRO A 53 -10.50 -7.36 18.90
C PRO A 53 -9.30 -6.44 19.02
N VAL A 54 -8.14 -6.97 18.70
CA VAL A 54 -6.92 -6.18 18.69
C VAL A 54 -7.01 -5.13 17.58
N LEU A 55 -7.40 -5.53 16.36
CA LEU A 55 -7.50 -4.58 15.26
C LEU A 55 -8.49 -3.45 15.53
N ASP A 56 -9.64 -3.80 16.12
CA ASP A 56 -10.60 -2.81 16.60
C ASP A 56 -9.97 -1.93 17.65
N GLU A 57 -9.48 -2.55 18.73
CA GLU A 57 -8.98 -1.82 19.91
C GLU A 57 -8.02 -0.71 19.50
N ILE A 58 -7.04 -1.04 18.66
CA ILE A 58 -6.04 -0.06 18.21
C ILE A 58 -6.57 0.92 17.15
N GLY A 59 -7.76 0.67 16.61
CA GLY A 59 -8.47 1.67 15.80
C GLY A 59 -8.12 1.65 14.34
N VAL A 60 -7.82 0.45 13.80
CA VAL A 60 -7.42 0.28 12.40
C VAL A 60 -8.43 -0.52 11.56
N MET A 61 -9.56 -0.93 12.14
CA MET A 61 -10.56 -1.70 11.37
C MET A 61 -11.05 -0.93 10.11
N PRO A 62 -11.33 0.39 10.24
CA PRO A 62 -11.80 1.08 9.03
C PRO A 62 -10.82 0.95 7.87
N ASP A 63 -9.55 1.18 8.16
CA ASP A 63 -8.52 1.09 7.14
C ASP A 63 -8.35 -0.35 6.61
N ILE A 64 -8.60 -1.36 7.46
CA ILE A 64 -8.62 -2.76 6.99
C ILE A 64 -9.84 -3.03 6.11
N GLU A 65 -10.97 -2.55 6.57
CA GLU A 65 -12.22 -2.70 5.85
C GLU A 65 -12.12 -2.08 4.45
N ALA A 66 -11.50 -0.93 4.34
CA ALA A 66 -11.37 -0.24 3.06
C ALA A 66 -10.41 -0.94 2.05
N ALA A 67 -9.61 -1.90 2.55
CA ALA A 67 -8.64 -2.61 1.73
C ALA A 67 -9.25 -3.63 0.75
N GLY A 68 -10.48 -4.07 1.02
CA GLY A 68 -11.18 -5.00 0.17
C GLY A 68 -10.66 -6.43 0.20
N PHE A 69 -10.16 -6.87 1.35
CA PHE A 69 -9.71 -8.26 1.53
C PHE A 69 -10.91 -9.23 1.48
N PRO A 70 -10.70 -10.44 0.94
CA PRO A 70 -11.76 -11.45 1.01
C PRO A 70 -12.18 -11.80 2.44
N LYS A 71 -13.48 -11.83 2.71
CA LYS A 71 -13.99 -12.19 4.02
C LYS A 71 -13.91 -13.68 4.23
N LYS A 72 -13.64 -14.07 5.47
CA LYS A 72 -13.47 -15.46 5.85
C LYS A 72 -14.56 -15.79 6.86
N TYR A 73 -15.49 -16.65 6.45
CA TYR A 73 -16.61 -17.01 7.32
C TYR A 73 -16.40 -18.36 8.00
N GLY A 74 -15.46 -19.14 7.50
CA GLY A 74 -15.26 -20.50 8.00
C GLY A 74 -14.03 -21.18 7.44
N ALA A 75 -13.83 -22.43 7.85
CA ALA A 75 -12.67 -23.23 7.50
C ALA A 75 -13.03 -24.70 7.34
N ALA A 76 -12.27 -25.41 6.52
CA ALA A 76 -12.56 -26.81 6.25
C ALA A 76 -11.27 -27.59 6.30
N TRP A 77 -11.24 -28.65 7.11
CA TRP A 77 -10.10 -29.58 7.14
C TRP A 77 -10.48 -30.95 6.61
N THR A 78 -9.93 -31.32 5.46
CA THR A 78 -10.30 -32.57 4.79
C THR A 78 -9.12 -33.54 4.85
N SER A 79 -9.43 -34.82 4.65
CA SER A 79 -8.45 -35.88 4.81
C SER A 79 -8.61 -36.89 3.72
N ALA A 80 -7.47 -37.45 3.35
CA ALA A 80 -7.38 -38.37 2.24
C ALA A 80 -7.60 -39.82 2.72
N GLU A 81 -7.66 -40.00 4.04
CA GLU A 81 -8.08 -41.24 4.68
C GLU A 81 -9.19 -41.99 3.94
N SER A 82 -8.84 -43.15 3.35
CA SER A 82 -9.81 -43.98 2.62
C SER A 82 -10.16 -45.32 3.33
N ARG A 83 -9.31 -45.82 4.23
CA ARG A 83 -9.68 -46.94 5.09
C ARG A 83 -11.11 -46.75 5.69
N ASP A 84 -11.83 -47.85 5.96
CA ASP A 84 -13.17 -47.80 6.59
C ASP A 84 -12.99 -47.63 8.09
N VAL A 85 -13.30 -46.45 8.62
CA VAL A 85 -12.88 -46.13 9.99
C VAL A 85 -14.02 -46.24 11.00
N PRO A 86 -13.78 -46.94 12.13
CA PRO A 86 -14.81 -47.07 13.16
C PRO A 86 -15.19 -45.72 13.77
N HIS A 87 -16.46 -45.37 13.63
CA HIS A 87 -17.03 -44.19 14.25
C HIS A 87 -16.77 -44.15 15.77
N ASN A 88 -16.70 -45.33 16.41
CA ASN A 88 -16.26 -45.43 17.79
C ASN A 88 -17.13 -44.57 18.75
N GLY A 89 -18.44 -44.46 18.48
CA GLY A 89 -19.36 -43.63 19.31
C GLY A 89 -19.53 -42.16 18.93
N PHE A 90 -18.75 -41.68 17.97
CA PHE A 90 -18.76 -40.26 17.66
C PHE A 90 -19.79 -39.96 16.61
N THR A 91 -20.36 -38.77 16.72
CA THR A 91 -21.45 -38.37 15.85
C THR A 91 -21.14 -37.02 15.23
N GLY A 92 -22.05 -36.56 14.38
CA GLY A 92 -21.92 -35.30 13.64
C GLY A 92 -21.11 -35.49 12.39
N LEU A 93 -20.74 -36.73 12.11
CA LEU A 93 -19.80 -37.00 11.06
C LEU A 93 -20.53 -37.00 9.73
N ASP A 94 -20.97 -35.83 9.32
CA ASP A 94 -21.73 -35.66 8.09
C ASP A 94 -20.96 -36.15 6.87
N HIS A 95 -19.64 -36.01 6.89
CA HIS A 95 -18.79 -36.49 5.79
C HIS A 95 -17.88 -37.65 6.20
N ASP A 96 -18.30 -38.44 7.20
CA ASP A 96 -17.43 -39.49 7.77
C ASP A 96 -16.08 -38.84 8.20
N PHE A 97 -14.96 -39.48 7.89
CA PHE A 97 -13.66 -38.94 8.32
C PHE A 97 -12.87 -38.29 7.16
N LYS A 98 -13.57 -37.94 6.08
CA LYS A 98 -12.93 -37.27 4.96
C LYS A 98 -13.00 -35.73 5.09
N ALA A 99 -13.82 -35.21 6.01
CA ALA A 99 -13.96 -33.76 6.16
C ALA A 99 -14.55 -33.31 7.51
N ALA A 100 -13.99 -32.25 8.05
CA ALA A 100 -14.60 -31.50 9.14
C ALA A 100 -14.54 -30.02 8.80
N GLU A 101 -15.59 -29.28 9.16
CA GLU A 101 -15.69 -27.85 8.79
C GLU A 101 -16.43 -27.03 9.83
N VAL A 102 -16.17 -25.73 9.78
CA VAL A 102 -16.67 -24.81 10.78
C VAL A 102 -16.98 -23.45 10.19
N MET A 103 -17.86 -22.78 10.91
CA MET A 103 -18.23 -21.42 10.66
C MET A 103 -17.99 -20.68 11.99
N PHE A 104 -17.19 -19.63 11.98
CA PHE A 104 -16.73 -19.04 13.25
C PHE A 104 -17.87 -18.48 14.10
N VAL A 105 -18.93 -18.01 13.46
CA VAL A 105 -20.09 -17.51 14.16
C VAL A 105 -20.85 -18.57 14.98
N GLU A 106 -20.56 -19.86 14.80
CA GLU A 106 -21.21 -20.91 15.61
C GLU A 106 -20.95 -20.80 17.12
N ARG A 107 -19.92 -20.04 17.51
CA ARG A 107 -19.64 -19.80 18.93
C ARG A 107 -19.47 -18.30 19.18
N ASP A 108 -20.09 -17.82 20.25
CA ASP A 108 -19.89 -16.46 20.72
C ASP A 108 -18.50 -16.35 21.29
N GLN A 109 -17.75 -15.39 20.78
CA GLN A 109 -16.36 -15.16 21.21
C GLN A 109 -16.32 -13.75 21.78
N PRO A 110 -15.76 -13.60 22.99
CA PRO A 110 -15.80 -12.27 23.58
C PRO A 110 -14.87 -11.32 22.86
N GLY A 111 -15.35 -10.08 22.68
CA GLY A 111 -14.64 -9.07 21.90
C GLY A 111 -14.92 -9.14 20.40
N VAL A 112 -15.67 -10.16 19.96
CA VAL A 112 -15.98 -10.31 18.56
C VAL A 112 -17.49 -10.17 18.38
N HIS A 113 -17.89 -9.26 17.50
CA HIS A 113 -19.32 -9.01 17.22
C HIS A 113 -19.65 -9.19 15.73
N ARG A 114 -18.68 -9.69 14.96
CA ARG A 114 -18.82 -9.84 13.51
C ARG A 114 -18.89 -11.32 13.13
N ASP A 115 -19.39 -11.55 11.91
CA ASP A 115 -19.53 -12.88 11.32
C ASP A 115 -18.28 -13.39 10.66
N TYR A 116 -17.33 -12.50 10.44
CA TYR A 116 -16.22 -12.80 9.57
C TYR A 116 -14.91 -12.23 10.07
N THR A 117 -13.82 -12.85 9.64
CA THR A 117 -12.52 -12.18 9.60
C THR A 117 -12.05 -12.11 8.13
N PHE A 118 -10.75 -12.09 7.86
CA PHE A 118 -10.26 -11.92 6.49
C PHE A 118 -9.15 -12.88 6.13
N HIS A 119 -8.99 -13.10 4.83
CA HIS A 119 -7.80 -13.68 4.25
C HIS A 119 -7.13 -12.49 3.63
N VAL A 120 -5.80 -12.42 3.70
CA VAL A 120 -5.13 -11.15 3.39
C VAL A 120 -3.81 -11.28 2.64
N ASP A 121 -3.63 -10.39 1.67
CA ASP A 121 -2.32 -10.11 1.12
C ASP A 121 -1.53 -9.48 2.27
N ARG A 122 -0.55 -10.22 2.78
CA ARG A 122 0.28 -9.74 3.89
C ARG A 122 1.08 -8.48 3.55
N GLY A 123 1.51 -8.36 2.30
CA GLY A 123 2.06 -7.11 1.79
C GLY A 123 1.23 -5.88 2.14
N LYS A 124 -0.01 -5.85 1.69
CA LYS A 124 -0.93 -4.75 1.97
C LYS A 124 -1.28 -4.70 3.45
N PHE A 125 -1.48 -5.85 4.07
CA PHE A 125 -1.95 -5.93 5.47
C PHE A 125 -0.96 -5.34 6.48
N ASP A 126 0.30 -5.64 6.29
CA ASP A 126 1.35 -5.15 7.19
C ASP A 126 1.63 -3.66 6.94
N LEU A 127 1.48 -3.21 5.69
CA LEU A 127 1.63 -1.80 5.39
C LEU A 127 0.59 -0.99 6.13
N ILE A 128 -0.67 -1.38 6.01
CA ILE A 128 -1.76 -0.65 6.70
C ILE A 128 -1.48 -0.56 8.20
N LEU A 129 -1.05 -1.65 8.82
CA LEU A 129 -0.74 -1.59 10.28
C LEU A 129 0.45 -0.70 10.63
N LEU A 130 1.49 -0.78 9.81
CA LEU A 130 2.67 0.01 10.03
C LEU A 130 2.42 1.51 9.81
N LYS A 131 1.72 1.90 8.74
CA LYS A 131 1.37 3.32 8.56
C LYS A 131 0.44 3.80 9.67
N HIS A 132 -0.48 2.93 10.07
CA HIS A 132 -1.38 3.27 11.15
C HIS A 132 -0.63 3.53 12.45
N ALA A 133 0.42 2.76 12.70
CA ALA A 133 1.24 3.00 13.87
C ALA A 133 1.87 4.39 13.80
N GLU A 134 2.36 4.76 12.62
CA GLU A 134 2.91 6.09 12.42
C GLU A 134 1.85 7.16 12.70
N SER A 135 0.66 6.99 12.16
CA SER A 135 -0.47 7.88 12.44
C SER A 135 -0.68 8.17 13.92
N ARG A 136 -0.45 7.16 14.76
CA ARG A 136 -0.78 7.27 16.18
C ARG A 136 0.41 7.79 17.00
N GLY A 137 1.49 8.18 16.33
CA GLY A 137 2.66 8.73 17.00
C GLY A 137 4.02 8.06 16.78
N ALA A 138 4.05 6.75 16.56
CA ALA A 138 5.31 5.98 16.40
C ALA A 138 6.25 6.54 15.33
N GLN A 139 7.55 6.51 15.60
CA GLN A 139 8.55 6.84 14.61
C GLN A 139 8.92 5.53 13.90
N VAL A 140 8.67 5.46 12.60
CA VAL A 140 8.95 4.26 11.81
C VAL A 140 10.15 4.42 10.86
N PHE A 141 11.05 3.45 10.90
CA PHE A 141 12.24 3.49 10.09
C PHE A 141 12.34 2.24 9.24
N GLN A 142 12.06 2.39 7.96
CA GLN A 142 12.13 1.32 7.01
C GLN A 142 13.51 1.26 6.38
N LYS A 143 13.75 0.15 5.66
CA LYS A 143 15.10 -0.29 5.23
C LYS A 143 16.17 -0.03 6.26
N THR A 144 15.85 -0.21 7.53
CA THR A 144 16.77 0.03 8.63
C THR A 144 16.92 -1.28 9.39
N ARG A 145 18.07 -1.93 9.24
CA ARG A 145 18.32 -3.20 9.87
C ARG A 145 18.99 -3.05 11.21
N VAL A 146 18.39 -3.62 12.25
CA VAL A 146 19.06 -3.68 13.54
C VAL A 146 19.98 -4.88 13.57
N LEU A 147 21.27 -4.64 13.81
CA LEU A 147 22.26 -5.71 13.80
C LEU A 147 22.45 -6.30 15.18
N LYS A 148 22.45 -5.45 16.21
CA LYS A 148 22.63 -5.92 17.58
C LYS A 148 21.95 -4.98 18.57
N ALA A 149 21.58 -5.56 19.70
CA ALA A 149 21.16 -4.81 20.86
C ALA A 149 22.30 -4.86 21.88
N ASP A 150 22.96 -3.73 22.09
CA ASP A 150 24.02 -3.65 23.08
C ASP A 150 23.47 -3.32 24.47
N PHE A 151 23.53 -4.28 25.37
CA PHE A 151 23.02 -4.15 26.73
C PHE A 151 24.03 -3.85 27.79
N ASP A 152 25.29 -3.79 27.43
CA ASP A 152 26.31 -3.65 28.44
C ASP A 152 26.75 -2.28 28.92
N THR A 153 26.12 -1.23 28.46
CA THR A 153 26.45 0.09 28.96
C THR A 153 25.26 0.94 29.47
N PRO A 155 20.43 1.93 29.50
CA PRO A 155 19.87 2.19 28.19
C PRO A 155 20.56 1.36 27.17
N ASP A 156 19.83 0.78 26.23
CA ASP A 156 20.45 -0.01 25.24
C ASP A 156 20.64 0.71 23.99
N LEU A 157 21.77 0.45 23.38
CA LEU A 157 22.03 1.00 22.13
C LEU A 157 21.77 -0.09 21.18
N VAL A 158 21.06 0.29 20.16
CA VAL A 158 20.72 -0.56 19.07
C VAL A 158 21.68 -0.15 17.94
N THR A 159 22.36 -1.09 17.33
CA THR A 159 23.33 -0.78 16.28
C THR A 159 22.74 -1.22 14.94
N LEU A 160 22.63 -0.28 13.97
CA LEU A 160 21.79 -0.50 12.77
C LEU A 160 22.44 -0.19 11.43
N LEU A 164 21.17 0.88 7.57
CA LEU A 164 20.58 1.73 6.50
C LEU A 164 21.45 2.06 5.27
N GLY A 165 21.35 1.22 4.25
CA GLY A 165 22.16 1.35 3.04
C GLY A 165 23.63 1.19 3.40
N PRO A 166 24.48 2.12 2.95
CA PRO A 166 25.89 2.07 3.31
C PRO A 166 26.21 2.66 4.70
N ARG A 167 25.19 3.15 5.40
CA ARG A 167 25.40 3.86 6.64
C ARG A 167 25.04 2.96 7.82
N THR A 168 25.89 2.96 8.85
CA THR A 168 25.57 2.36 10.14
C THR A 168 25.27 3.47 11.12
N LEU A 169 24.30 3.23 11.99
CA LEU A 169 23.91 4.20 13.00
C LEU A 169 23.45 3.53 14.30
N ASP A 170 23.53 4.29 15.38
CA ASP A 170 23.06 3.85 16.68
C ASP A 170 21.84 4.66 17.06
N PHE A 171 21.01 4.07 17.90
CA PHE A 171 19.91 4.77 18.57
C PHE A 171 19.84 4.27 20.00
N THR A 172 19.22 5.05 20.87
CA THR A 172 19.07 4.69 22.26
C THR A 172 17.63 4.48 22.71
N THR A 173 17.44 3.53 23.63
CA THR A 173 16.12 3.23 24.19
C THR A 173 16.22 2.68 25.62
N ARG A 174 15.16 2.83 26.40
CA ARG A 174 15.16 2.20 27.74
C ARG A 174 14.82 0.72 27.63
N MET A 175 14.06 0.36 26.60
CA MET A 175 13.43 -0.94 26.47
C MET A 175 13.45 -1.43 25.03
N VAL A 176 13.84 -2.68 24.83
CA VAL A 176 13.82 -3.31 23.50
C VAL A 176 12.69 -4.30 23.36
N ILE A 177 12.00 -4.26 22.22
CA ILE A 177 10.98 -5.24 21.93
C ILE A 177 11.30 -5.90 20.61
N ASP A 178 11.53 -7.21 20.66
CA ASP A 178 11.93 -7.97 19.49
C ASP A 178 10.69 -8.53 18.81
N ALA A 179 10.38 -7.95 17.65
CA ALA A 179 9.32 -8.42 16.80
C ALA A 179 9.87 -8.84 15.47
N SER A 180 11.01 -9.52 15.50
CA SER A 180 11.71 -9.92 14.28
C SER A 180 11.10 -11.11 13.55
N GLY A 181 10.06 -11.71 14.11
CA GLY A 181 9.45 -12.89 13.51
C GLY A 181 10.44 -14.03 13.45
N ARG A 182 10.39 -14.80 12.35
CA ARG A 182 11.24 -15.98 12.14
C ARG A 182 12.74 -15.69 12.08
N GLN A 183 13.15 -14.43 11.97
CA GLN A 183 14.60 -14.15 11.99
C GLN A 183 15.11 -14.06 13.44
N THR A 184 14.19 -14.09 14.42
CA THR A 184 14.53 -14.23 15.84
C THR A 184 15.86 -13.58 16.19
N MET A 185 15.89 -12.26 16.12
CA MET A 185 17.09 -11.50 16.31
C MET A 185 17.72 -11.71 17.70
N LEU A 186 16.95 -11.47 18.75
CA LEU A 186 17.45 -11.66 20.10
C LEU A 186 17.55 -13.16 20.50
N GLY A 187 16.60 -13.95 20.08
CA GLY A 187 16.68 -15.40 20.31
C GLY A 187 18.04 -15.93 19.91
N ASN A 188 18.51 -15.49 18.74
CA ASN A 188 19.83 -15.87 18.27
C ASN A 188 20.92 -15.10 18.98
N GLN A 189 20.73 -13.81 19.16
CA GLN A 189 21.78 -13.02 19.79
C GLN A 189 22.11 -13.62 21.16
N LEU A 190 21.08 -13.90 21.96
CA LEU A 190 21.25 -14.40 23.32
C LEU A 190 21.41 -15.92 23.39
N LYS A 191 21.36 -16.59 22.25
CA LYS A 191 21.55 -18.04 22.21
C LYS A 191 20.56 -18.77 23.13
N VAL A 192 19.27 -18.36 23.10
CA VAL A 192 18.21 -19.01 23.88
C VAL A 192 17.16 -19.73 23.02
N LYS A 193 17.40 -19.73 21.72
CA LYS A 193 16.48 -20.36 20.76
C LYS A 193 16.69 -21.85 20.76
N VAL A 194 15.58 -22.58 20.84
CA VAL A 194 15.58 -24.03 20.89
C VAL A 194 14.70 -24.57 19.77
N PRO A 195 15.27 -25.31 18.79
CA PRO A 195 14.44 -25.95 17.74
C PRO A 195 13.53 -27.02 18.31
N ASP A 196 12.34 -27.19 17.72
CA ASP A 196 11.42 -28.14 18.27
C ASP A 196 12.00 -29.54 18.05
N PRO A 197 11.95 -30.39 19.10
CA PRO A 197 12.51 -31.74 18.94
C PRO A 197 11.60 -32.67 18.12
N VAL A 198 10.33 -32.29 17.92
CA VAL A 198 9.33 -33.08 17.16
C VAL A 198 9.08 -32.53 15.75
N PHE A 199 8.80 -31.23 15.63
CA PHE A 199 8.33 -30.61 14.38
C PHE A 199 9.40 -29.94 13.51
N ASN A 200 9.49 -30.33 12.26
CA ASN A 200 10.13 -29.46 11.25
C ASN A 200 9.55 -29.70 9.88
N GLN A 201 8.40 -29.12 9.70
CA GLN A 201 7.77 -29.18 8.42
C GLN A 201 8.42 -28.12 7.54
N TYR A 202 8.14 -28.24 6.24
CA TYR A 202 8.70 -27.40 5.18
C TYR A 202 7.57 -27.02 4.20
N ALA A 203 7.48 -25.75 3.83
CA ALA A 203 6.38 -25.28 3.00
C ALA A 203 6.88 -24.76 1.66
N ILE A 204 6.14 -25.06 0.60
CA ILE A 204 6.39 -24.54 -0.73
C ILE A 204 5.06 -23.97 -1.21
N HIS A 205 5.08 -22.75 -1.73
CA HIS A 205 3.83 -22.08 -2.07
C HIS A 205 3.99 -21.03 -3.15
N ALA A 206 2.86 -20.62 -3.69
CA ALA A 206 2.81 -19.58 -4.70
C ALA A 206 1.41 -19.05 -4.86
N TRP A 207 1.30 -17.95 -5.58
CA TRP A 207 0.03 -17.35 -5.93
C TRP A 207 -0.34 -17.73 -7.36
N PHE A 208 -1.64 -17.93 -7.57
CA PHE A 208 -2.15 -18.27 -8.89
C PHE A 208 -3.32 -17.37 -9.17
N GLU A 209 -3.45 -16.96 -10.42
CA GLU A 209 -4.61 -16.19 -10.88
C GLU A 209 -5.48 -17.05 -11.76
N GLY A 210 -6.80 -16.96 -11.57
CA GLY A 210 -7.78 -17.60 -12.43
C GLY A 210 -8.19 -19.01 -12.04
N LEU A 211 -7.76 -19.50 -10.88
CA LEU A 211 -8.21 -20.80 -10.37
C LEU A 211 -9.69 -20.77 -9.98
N ASP A 212 -10.43 -21.80 -10.40
CA ASP A 212 -11.78 -22.03 -9.93
C ASP A 212 -11.73 -22.63 -8.52
N ARG A 213 -12.03 -21.81 -7.53
CA ARG A 213 -11.97 -22.22 -6.13
C ARG A 213 -13.06 -23.19 -5.73
N THR A 214 -14.05 -23.35 -6.59
CA THR A 214 -15.08 -24.36 -6.38
C THR A 214 -14.57 -25.79 -6.57
N ALA A 215 -13.54 -25.97 -7.39
CA ALA A 215 -12.99 -27.30 -7.61
C ALA A 215 -12.77 -28.04 -6.29
N MET A 216 -11.89 -27.51 -5.45
CA MET A 216 -11.54 -28.15 -4.16
C MET A 216 -12.67 -28.09 -3.13
N ALA A 217 -13.63 -27.21 -3.34
CA ALA A 217 -14.63 -26.91 -2.32
C ALA A 217 -15.70 -27.97 -2.19
N LEU A 218 -16.19 -28.11 -0.97
CA LEU A 218 -17.30 -29.01 -0.68
C LEU A 218 -18.44 -28.63 -1.63
N ASP A 219 -18.78 -27.34 -1.58
CA ASP A 219 -19.76 -26.75 -2.50
C ASP A 219 -19.36 -25.28 -2.77
N PRO A 220 -19.85 -24.71 -3.88
CA PRO A 220 -19.43 -23.38 -4.29
C PRO A 220 -19.83 -22.22 -3.37
N ALA A 221 -20.68 -22.48 -2.38
CA ALA A 221 -20.92 -21.52 -1.30
C ALA A 221 -19.73 -21.43 -0.33
N LYS A 222 -19.00 -22.54 -0.20
CA LYS A 222 -17.87 -22.62 0.71
C LYS A 222 -16.57 -22.23 -0.02
N ARG A 223 -16.70 -21.62 -1.20
CA ARG A 223 -15.53 -21.27 -2.03
C ARG A 223 -14.53 -20.31 -1.34
N ASP A 224 -15.01 -19.53 -0.38
CA ASP A 224 -14.26 -18.51 0.39
C ASP A 224 -13.59 -18.98 1.65
N TYR A 225 -13.88 -20.22 2.07
CA TYR A 225 -13.30 -20.77 3.28
C TYR A 225 -11.84 -20.98 2.99
N ILE A 226 -11.09 -21.17 4.07
CA ILE A 226 -9.80 -21.80 3.94
C ILE A 226 -10.05 -23.31 3.82
N TYR A 227 -9.33 -23.93 2.87
CA TYR A 227 -9.27 -25.38 2.77
C TYR A 227 -7.89 -25.90 3.02
N VAL A 228 -7.81 -26.87 3.92
CA VAL A 228 -6.62 -27.66 4.16
C VAL A 228 -6.90 -29.12 3.87
N HIS A 229 -6.16 -29.71 2.94
CA HIS A 229 -6.31 -31.13 2.66
C HIS A 229 -5.11 -31.96 3.11
N PHE A 230 -5.34 -32.79 4.12
CA PHE A 230 -4.33 -33.62 4.77
C PHE A 230 -4.19 -35.02 4.20
N LEU A 231 -2.94 -35.50 4.07
CA LEU A 231 -2.68 -36.92 3.77
C LEU A 231 -2.09 -37.50 5.04
N PRO A 232 -2.92 -38.17 5.84
CA PRO A 232 -2.46 -38.45 7.20
C PRO A 232 -1.40 -39.52 7.29
N LEU A 233 -1.24 -40.34 6.26
CA LEU A 233 -0.23 -41.41 6.28
C LEU A 233 1.14 -40.90 5.87
N GLU A 234 1.21 -39.63 5.46
CA GLU A 234 2.46 -38.99 5.08
C GLU A 234 2.71 -37.64 5.78
N ASP A 235 1.86 -37.26 6.73
CA ASP A 235 1.91 -35.93 7.39
C ASP A 235 2.14 -34.80 6.41
N THR A 236 1.34 -34.80 5.35
CA THR A 236 1.46 -33.88 4.25
C THR A 236 0.10 -33.28 3.96
N TRP A 237 0.10 -31.97 3.68
CA TRP A 237 -1.12 -31.28 3.34
C TRP A 237 -0.91 -30.09 2.44
N MET A 238 -2.01 -29.63 1.87
CA MET A 238 -1.99 -28.53 0.96
C MET A 238 -3.11 -27.58 1.34
N TRP A 239 -2.89 -26.30 1.12
CA TRP A 239 -3.83 -25.29 1.49
C TRP A 239 -4.28 -24.45 0.29
N GLN A 240 -5.48 -23.88 0.42
CA GLN A 240 -6.07 -23.04 -0.60
C GLN A 240 -6.68 -21.82 0.09
N ILE A 241 -6.08 -20.66 -0.11
CA ILE A 241 -6.49 -19.45 0.58
C ILE A 241 -6.80 -18.34 -0.45
N PRO A 242 -8.02 -17.79 -0.42
CA PRO A 242 -8.37 -16.65 -1.27
C PRO A 242 -7.54 -15.45 -0.98
N ILE A 243 -7.17 -14.70 -2.02
CA ILE A 243 -6.47 -13.43 -1.84
C ILE A 243 -7.17 -12.24 -2.51
N THR A 244 -7.69 -12.42 -3.72
CA THR A 244 -8.70 -11.53 -4.29
C THR A 244 -9.78 -12.40 -4.91
N ASP A 245 -10.74 -11.78 -5.59
CA ASP A 245 -11.73 -12.52 -6.38
C ASP A 245 -11.01 -13.52 -7.27
N THR A 246 -9.90 -13.07 -7.87
CA THR A 246 -9.22 -13.74 -8.96
C THR A 246 -7.89 -14.45 -8.56
N ILE A 247 -7.22 -13.98 -7.50
CA ILE A 247 -5.93 -14.55 -7.02
C ILE A 247 -6.15 -15.45 -5.80
N THR A 248 -5.43 -16.57 -5.77
CA THR A 248 -5.53 -17.56 -4.70
C THR A 248 -4.11 -18.03 -4.33
N SER A 249 -3.86 -18.20 -3.03
CA SER A 249 -2.55 -18.63 -2.54
C SER A 249 -2.60 -20.12 -2.30
N VAL A 250 -1.70 -20.86 -2.93
CA VAL A 250 -1.67 -22.33 -2.80
C VAL A 250 -0.30 -22.80 -2.34
N GLY A 251 -0.30 -23.78 -1.45
CA GLY A 251 0.92 -24.25 -0.81
C GLY A 251 0.85 -25.71 -0.39
N VAL A 252 2.02 -26.29 -0.22
CA VAL A 252 2.15 -27.65 0.22
C VAL A 252 3.01 -27.66 1.49
N VAL A 253 2.68 -28.55 2.42
CA VAL A 253 3.45 -28.69 3.63
C VAL A 253 3.75 -30.15 3.87
N THR A 254 5.01 -30.42 4.17
CA THR A 254 5.50 -31.78 4.32
C THR A 254 6.69 -31.80 5.27
N GLN A 255 7.22 -32.98 5.52
CA GLN A 255 8.35 -33.17 6.43
C GLN A 255 9.61 -32.78 5.69
N LYS A 256 10.52 -32.06 6.36
CA LYS A 256 11.81 -31.67 5.73
C LYS A 256 12.53 -32.86 5.07
N HIS A 257 12.59 -34.00 5.75
CA HIS A 257 13.31 -35.16 5.21
C HIS A 257 12.82 -35.58 3.84
N ARG A 258 11.51 -35.50 3.61
CA ARG A 258 11.00 -35.76 2.27
C ARG A 258 11.58 -34.76 1.27
N PHE A 259 11.62 -33.49 1.64
CA PHE A 259 12.16 -32.47 0.75
C PHE A 259 13.64 -32.66 0.44
N LYS A 260 14.42 -33.10 1.40
CA LYS A 260 15.85 -33.41 1.17
C LYS A 260 16.00 -34.66 0.29
N ASP A 265 14.72 -29.38 -7.25
CA ASP A 265 13.56 -28.88 -7.97
C ASP A 265 12.27 -28.95 -7.14
N ARG A 266 12.01 -27.88 -6.39
CA ARG A 266 10.83 -27.73 -5.56
C ARG A 266 9.52 -27.52 -6.36
N GLU A 267 9.60 -27.08 -7.61
CA GLU A 267 8.39 -27.05 -8.45
C GLU A 267 7.84 -28.46 -8.68
N LYS A 268 8.68 -29.39 -9.12
CA LYS A 268 8.21 -30.75 -9.42
C LYS A 268 7.52 -31.35 -8.21
N PHE A 269 8.06 -31.08 -7.03
CA PHE A 269 7.57 -31.69 -5.80
C PHE A 269 6.23 -31.11 -5.43
N PHE A 270 6.10 -29.80 -5.60
CA PHE A 270 4.85 -29.14 -5.37
C PHE A 270 3.72 -29.79 -6.17
N TRP A 271 3.96 -30.08 -7.45
CA TRP A 271 2.91 -30.62 -8.31
C TRP A 271 2.62 -32.08 -7.99
N ASP A 272 3.67 -32.84 -7.68
CA ASP A 272 3.51 -34.22 -7.29
C ASP A 272 2.50 -34.28 -6.15
N ILE A 273 2.76 -33.49 -5.11
CA ILE A 273 1.94 -33.49 -3.90
C ILE A 273 0.50 -33.04 -4.19
N VAL A 274 0.35 -31.97 -4.98
CA VAL A 274 -0.97 -31.50 -5.43
C VAL A 274 -1.70 -32.55 -6.26
N SER A 275 -0.95 -33.35 -7.00
CA SER A 275 -1.52 -34.40 -7.86
C SER A 275 -2.31 -35.46 -7.10
N SER A 276 -2.06 -35.60 -5.81
CA SER A 276 -2.86 -36.47 -4.96
C SER A 276 -4.37 -36.13 -4.96
N ARG A 277 -4.75 -34.97 -5.45
CA ARG A 277 -6.16 -34.61 -5.57
C ARG A 277 -6.45 -34.08 -6.98
N LYS A 278 -7.12 -34.89 -7.79
CA LYS A 278 -7.31 -34.59 -9.19
C LYS A 278 -7.98 -33.24 -9.39
N ASP A 279 -9.11 -33.03 -8.71
CA ASP A 279 -9.94 -31.84 -8.89
C ASP A 279 -9.14 -30.54 -8.90
N ILE A 280 -8.38 -30.36 -7.83
CA ILE A 280 -7.56 -29.17 -7.64
C ILE A 280 -6.43 -29.16 -8.66
N TYR A 281 -5.76 -30.29 -8.81
CA TYR A 281 -4.68 -30.40 -9.78
C TYR A 281 -5.17 -29.87 -11.16
N ASP A 282 -6.29 -30.42 -11.64
CA ASP A 282 -6.82 -30.02 -12.93
C ASP A 282 -7.21 -28.56 -12.91
N ALA A 283 -7.86 -28.14 -11.84
CA ALA A 283 -8.23 -26.76 -11.73
C ALA A 283 -6.99 -25.89 -11.80
N LEU A 284 -5.94 -26.27 -11.06
CA LEU A 284 -4.68 -25.53 -11.04
C LEU A 284 -4.04 -25.43 -12.39
N GLN A 285 -4.25 -26.47 -13.19
CA GLN A 285 -3.78 -26.46 -14.58
C GLN A 285 -4.41 -25.37 -15.48
N LYS A 286 -5.64 -24.99 -15.18
CA LYS A 286 -6.29 -23.91 -15.90
C LYS A 286 -5.85 -22.52 -15.40
N ALA A 287 -5.09 -22.45 -14.32
CA ALA A 287 -4.69 -21.16 -13.73
C ALA A 287 -3.32 -20.66 -14.25
N GLU A 288 -2.95 -19.44 -13.88
CA GLU A 288 -1.63 -18.86 -14.19
C GLU A 288 -0.94 -18.55 -12.87
N ARG A 289 0.27 -19.10 -12.69
CA ARG A 289 1.08 -18.79 -11.51
C ARG A 289 1.61 -17.37 -11.66
N ILE A 290 1.23 -16.49 -10.72
CA ILE A 290 1.53 -15.05 -10.78
C ILE A 290 2.75 -14.64 -9.91
N ARG A 291 3.41 -15.60 -9.25
CA ARG A 291 4.57 -15.32 -8.36
C ARG A 291 5.51 -16.53 -8.33
N PRO A 292 6.80 -16.31 -8.09
CA PRO A 292 7.70 -17.48 -8.03
C PRO A 292 7.38 -18.36 -6.83
N PHE A 293 7.76 -19.64 -6.90
CA PHE A 293 7.65 -20.53 -5.77
C PHE A 293 8.64 -20.13 -4.69
N LYS A 294 8.14 -19.86 -3.48
CA LYS A 294 9.01 -19.57 -2.33
C LYS A 294 8.87 -20.74 -1.38
N ALA A 295 9.90 -20.98 -0.58
CA ALA A 295 9.95 -22.09 0.36
C ALA A 295 10.21 -21.58 1.79
N GLU A 296 9.42 -22.08 2.73
CA GLU A 296 9.46 -21.57 4.09
C GLU A 296 9.80 -22.79 4.93
N GLY A 297 10.86 -22.68 5.72
CA GLY A 297 11.37 -23.83 6.50
C GLY A 297 11.92 -23.50 7.87
N ASP A 298 12.38 -24.56 8.56
CA ASP A 298 12.96 -24.52 9.91
C ASP A 298 12.21 -23.56 10.82
N TYR A 299 10.89 -23.65 10.73
CA TYR A 299 9.99 -22.67 11.31
C TYR A 299 9.45 -23.02 12.72
N SER A 300 9.78 -24.19 13.28
CA SER A 300 9.25 -24.64 14.57
C SER A 300 10.30 -24.57 15.67
N TYR A 301 10.08 -23.70 16.65
CA TYR A 301 11.09 -23.44 17.68
C TYR A 301 10.46 -22.77 18.91
N ALA A 302 11.18 -22.76 20.03
CA ALA A 302 10.76 -22.01 21.20
C ALA A 302 11.99 -21.33 21.80
N MET A 303 11.80 -20.57 22.88
CA MET A 303 12.87 -19.81 23.51
C MET A 303 12.88 -20.08 25.01
N ARG A 304 14.06 -20.22 25.62
CA ARG A 304 14.13 -20.50 27.06
C ARG A 304 13.73 -19.30 27.94
N GLN A 305 14.09 -18.11 27.48
CA GLN A 305 13.69 -16.85 28.03
C GLN A 305 12.98 -16.10 26.95
N ILE A 306 11.87 -15.47 27.27
CA ILE A 306 11.23 -14.55 26.37
C ILE A 306 11.20 -13.13 26.93
N CYS A 307 11.92 -12.91 28.03
CA CYS A 307 12.06 -11.58 28.57
C CYS A 307 13.30 -11.48 29.43
N GLY A 308 13.80 -10.27 29.59
CA GLY A 308 14.91 -10.06 30.48
C GLY A 308 14.94 -8.62 30.87
N ASP A 309 16.01 -8.18 31.49
CA ASP A 309 16.15 -6.78 31.82
C ASP A 309 16.16 -5.99 30.54
N ARG A 310 15.19 -5.10 30.39
CA ARG A 310 15.15 -4.17 29.29
C ARG A 310 14.89 -4.82 27.91
N PHE A 311 14.32 -6.01 27.88
CA PHE A 311 13.85 -6.60 26.61
C PHE A 311 12.70 -7.58 26.79
N LEU A 312 11.97 -7.78 25.70
CA LEU A 312 11.06 -8.92 25.59
C LEU A 312 10.77 -9.25 24.14
N LEU A 313 10.32 -10.48 23.93
CA LEU A 313 10.10 -10.99 22.60
C LEU A 313 8.58 -11.23 22.38
N ILE A 314 8.07 -10.80 21.22
CA ILE A 314 6.67 -11.01 20.85
C ILE A 314 6.58 -11.63 19.46
N GLY A 315 5.39 -12.12 19.11
CA GLY A 315 5.17 -12.75 17.82
C GLY A 315 6.07 -13.95 17.58
N ASP A 316 6.35 -14.23 16.33
CA ASP A 316 7.17 -15.38 15.95
C ASP A 316 8.57 -15.33 16.56
N ALA A 317 9.05 -14.14 16.88
CA ALA A 317 10.34 -13.95 17.53
C ALA A 317 10.39 -14.67 18.86
N ALA A 318 9.22 -14.89 19.47
CA ALA A 318 9.10 -15.61 20.75
C ALA A 318 8.82 -17.10 20.56
N ARG A 319 8.02 -17.45 19.58
CA ARG A 319 7.76 -18.85 19.27
C ARG A 319 7.00 -18.99 17.97
N PHE A 320 7.15 -20.15 17.35
CA PHE A 320 6.25 -20.57 16.29
C PHE A 320 6.23 -22.09 16.23
N VAL A 321 5.10 -22.64 15.79
CA VAL A 321 4.91 -24.10 15.79
C VAL A 321 4.67 -24.61 14.35
N ASP A 322 3.42 -24.53 13.89
CA ASP A 322 3.04 -25.05 12.59
C ASP A 322 1.74 -24.38 12.20
N PRO A 323 1.62 -23.98 10.92
CA PRO A 323 0.53 -23.10 10.51
C PRO A 323 -0.81 -23.79 10.21
N ILE A 324 -0.97 -25.03 10.65
CA ILE A 324 -2.14 -25.84 10.30
C ILE A 324 -3.46 -25.13 10.69
N PHE A 325 -3.45 -24.31 11.73
CA PHE A 325 -4.68 -23.68 12.22
C PHE A 325 -4.71 -22.17 12.03
N SER A 326 -3.76 -21.61 11.28
CA SER A 326 -3.89 -20.25 10.79
C SER A 326 -3.96 -19.23 11.91
N SER A 327 -3.19 -19.46 12.95
CA SER A 327 -3.29 -18.68 14.16
C SER A 327 -2.14 -17.71 14.41
N GLY A 328 -1.09 -17.79 13.59
CA GLY A 328 0.13 -17.06 13.85
C GLY A 328 -0.02 -15.57 14.01
N VAL A 329 -0.86 -14.96 13.17
CA VAL A 329 -1.04 -13.50 13.22
C VAL A 329 -1.82 -13.10 14.47
N SER A 330 -2.81 -13.90 14.84
CA SER A 330 -3.57 -13.61 16.05
C SER A 330 -2.66 -13.71 17.28
N VAL A 331 -1.74 -14.67 17.26
CA VAL A 331 -0.78 -14.80 18.37
C VAL A 331 0.11 -13.55 18.40
N ALA A 332 0.57 -13.12 17.24
CA ALA A 332 1.43 -11.93 17.14
C ALA A 332 0.72 -10.68 17.60
N LEU A 333 -0.53 -10.52 17.20
CA LEU A 333 -1.37 -9.42 17.64
C LEU A 333 -1.75 -9.47 19.12
N ASN A 334 -2.09 -10.62 19.64
CA ASN A 334 -2.47 -10.71 21.05
C ASN A 334 -1.26 -10.72 21.99
N SER A 335 -0.14 -11.32 21.58
CA SER A 335 1.08 -11.18 22.38
C SER A 335 1.48 -9.71 22.46
N ALA A 336 1.32 -8.99 21.37
CA ALA A 336 1.57 -7.55 21.39
C ALA A 336 0.67 -6.87 22.38
N ARG A 337 -0.62 -7.20 22.35
CA ARG A 337 -1.56 -6.60 23.31
C ARG A 337 -1.15 -6.84 24.78
N LEU A 338 -0.84 -8.08 25.13
CA LEU A 338 -0.55 -8.43 26.52
C LEU A 338 0.78 -7.84 26.95
N ALA A 339 1.78 -7.93 26.09
CA ALA A 339 3.07 -7.31 26.35
C ALA A 339 3.01 -5.79 26.49
N ALA A 340 2.04 -5.14 25.88
CA ALA A 340 1.86 -3.68 26.00
C ALA A 340 1.50 -3.31 27.41
N LYS A 341 0.54 -4.01 27.99
CA LYS A 341 0.16 -3.78 29.39
C LYS A 341 1.34 -3.75 30.34
N ASP A 342 2.25 -4.71 30.18
CA ASP A 342 3.44 -4.81 31.05
C ASP A 342 4.43 -3.71 30.73
N VAL A 343 4.66 -3.47 29.44
CA VAL A 343 5.59 -2.43 29.05
C VAL A 343 5.10 -1.07 29.53
N ILE A 344 3.79 -0.85 29.48
CA ILE A 344 3.23 0.43 29.92
C ILE A 344 3.35 0.62 31.42
N ALA A 345 3.06 -0.41 32.19
CA ALA A 345 3.20 -0.34 33.64
C ALA A 345 4.67 -0.16 34.06
N ALA A 346 5.58 -0.83 33.35
CA ALA A 346 7.03 -0.72 33.61
C ALA A 346 7.55 0.69 33.32
N HIS A 347 7.12 1.26 32.23
CA HIS A 347 7.47 2.62 31.89
C HIS A 347 6.96 3.58 32.96
N ARG A 348 5.72 3.43 33.39
CA ARG A 348 5.18 4.38 34.36
C ARG A 348 5.90 4.27 35.71
N ALA A 349 6.25 3.05 36.12
CA ALA A 349 7.01 2.82 37.37
C ALA A 349 8.52 2.98 37.24
N GLY A 350 9.04 3.18 36.03
CA GLY A 350 10.47 3.44 35.83
C GLY A 350 11.33 2.24 36.12
N ASP A 351 10.83 1.06 35.77
CA ASP A 351 11.51 -0.19 36.12
C ASP A 351 11.32 -1.26 35.05
N PHE A 352 12.39 -1.52 34.30
CA PHE A 352 12.35 -2.50 33.24
C PHE A 352 13.14 -3.76 33.59
N ARG A 353 13.10 -4.18 34.85
CA ARG A 353 13.76 -5.43 35.16
C ARG A 353 12.86 -6.56 34.70
N LYS A 354 13.51 -7.66 34.36
CA LYS A 354 12.83 -8.85 33.85
C LYS A 354 11.49 -9.14 34.53
N GLU A 355 11.50 -9.01 35.83
CA GLU A 355 10.34 -9.37 36.65
C GLU A 355 9.13 -8.53 36.35
N SER A 356 9.35 -7.31 35.85
CA SER A 356 8.25 -6.46 35.40
C SER A 356 7.41 -7.07 34.29
N PHE A 357 7.90 -8.15 33.66
CA PHE A 357 7.24 -8.73 32.49
C PHE A 357 6.66 -10.13 32.70
N ALA A 358 6.54 -10.57 33.94
CA ALA A 358 6.14 -11.97 34.24
C ALA A 358 4.66 -12.30 33.93
N THR A 359 3.79 -11.31 34.02
CA THR A 359 2.38 -11.46 33.68
C THR A 359 2.23 -11.85 32.23
N TYR A 360 2.89 -11.06 31.39
CA TYR A 360 2.96 -11.34 29.97
C TYR A 360 3.54 -12.73 29.72
N GLU A 361 4.70 -13.01 30.31
CA GLU A 361 5.35 -14.34 30.16
C GLU A 361 4.40 -15.48 30.51
N GLU A 362 3.73 -15.40 31.66
CA GLU A 362 2.91 -16.52 32.13
C GLU A 362 1.71 -16.70 31.20
N LYS A 363 1.10 -15.59 30.79
CA LYS A 363 -0.10 -15.68 29.94
C LYS A 363 0.22 -16.21 28.57
N LEU A 364 1.40 -15.89 28.07
CA LEU A 364 1.82 -16.32 26.76
C LEU A 364 2.37 -17.74 26.78
N ARG A 365 3.09 -18.13 27.83
CA ARG A 365 3.48 -19.52 27.98
C ARG A 365 2.21 -20.39 27.85
N ARG A 366 1.22 -20.10 28.66
CA ARG A 366 0.00 -20.91 28.70
C ARG A 366 -0.73 -20.93 27.36
N ALA A 367 -0.98 -19.74 26.80
CA ALA A 367 -1.67 -19.57 25.55
C ALA A 367 -1.08 -20.47 24.48
N VAL A 368 0.23 -20.44 24.42
CA VAL A 368 0.98 -21.04 23.33
C VAL A 368 1.15 -22.55 23.55
N ARG A 369 1.14 -22.96 24.81
CA ARG A 369 1.09 -24.37 25.14
C ARG A 369 -0.22 -25.00 24.59
N ASN A 370 -1.36 -24.31 24.75
CA ASN A 370 -2.64 -24.76 24.17
C ASN A 370 -2.56 -24.97 22.64
N TRP A 371 -2.07 -23.98 21.96
CA TRP A 371 -1.93 -24.02 20.51
C TRP A 371 -1.06 -25.25 20.16
N TYR A 372 0.10 -25.33 20.81
CA TYR A 372 1.05 -26.40 20.56
C TYR A 372 0.45 -27.79 20.72
N GLU A 373 -0.23 -28.02 21.83
CA GLU A 373 -0.71 -29.36 22.16
C GLU A 373 -1.90 -29.70 21.25
N PHE A 374 -2.68 -28.69 20.91
CA PHE A 374 -3.74 -28.84 19.90
C PHE A 374 -3.20 -29.25 18.53
N ILE A 375 -2.06 -28.66 18.13
CA ILE A 375 -1.41 -29.06 16.86
C ILE A 375 -0.88 -30.51 16.89
N SER A 376 -0.25 -30.91 18.00
CA SER A 376 0.35 -32.27 18.10
C SER A 376 -0.70 -33.34 17.87
N VAL A 377 -1.89 -33.10 18.43
CA VAL A 377 -2.99 -34.02 18.29
C VAL A 377 -3.34 -34.16 16.83
N TYR A 378 -3.46 -33.03 16.14
CA TYR A 378 -3.86 -33.04 14.73
C TYR A 378 -2.99 -33.99 13.92
N TYR A 379 -1.70 -33.90 14.14
CA TYR A 379 -0.73 -34.75 13.40
C TYR A 379 -0.72 -36.21 13.84
N ARG A 380 -0.90 -36.42 15.13
CA ARG A 380 -0.64 -37.68 15.74
C ARG A 380 -1.84 -38.58 15.58
N LEU A 381 -3.03 -37.99 15.51
CA LEU A 381 -4.25 -38.78 15.37
C LEU A 381 -5.32 -37.97 14.68
N ASN A 382 -5.18 -37.89 13.37
CA ASN A 382 -5.96 -36.93 12.63
C ASN A 382 -7.46 -37.16 12.66
N ILE A 383 -7.84 -38.44 12.52
CA ILE A 383 -9.26 -38.83 12.61
C ILE A 383 -9.93 -38.37 13.94
N LEU A 384 -9.14 -38.36 15.02
CA LEU A 384 -9.54 -37.82 16.32
C LEU A 384 -9.85 -36.34 16.23
N PHE A 385 -8.97 -35.60 15.54
CA PHE A 385 -9.20 -34.18 15.30
C PHE A 385 -10.54 -34.04 14.59
N THR A 386 -10.72 -34.78 13.52
CA THR A 386 -11.93 -34.70 12.75
C THR A 386 -13.16 -34.96 13.59
N ALA A 387 -13.11 -36.03 14.38
CA ALA A 387 -14.24 -36.45 15.17
C ALA A 387 -14.61 -35.45 16.26
N PHE A 388 -13.64 -34.71 16.77
CA PHE A 388 -13.88 -33.73 17.82
C PHE A 388 -14.44 -32.43 17.25
N VAL A 389 -14.06 -32.08 16.02
CA VAL A 389 -14.61 -30.89 15.40
C VAL A 389 -16.11 -31.12 15.12
N GLN A 390 -16.42 -32.31 14.63
CA GLN A 390 -17.78 -32.61 14.19
C GLN A 390 -18.73 -33.06 15.33
N ASP A 391 -18.21 -33.59 16.44
CA ASP A 391 -19.07 -34.11 17.48
C ASP A 391 -19.50 -33.01 18.47
N PRO A 392 -20.81 -32.90 18.76
CA PRO A 392 -21.32 -31.76 19.53
C PRO A 392 -20.96 -31.76 21.03
N ARG A 393 -20.51 -32.87 21.59
CA ARG A 393 -19.93 -32.82 22.93
C ARG A 393 -18.77 -31.83 22.95
N TYR A 394 -17.97 -31.86 21.89
CA TYR A 394 -16.67 -31.19 21.83
C TYR A 394 -16.57 -30.02 20.86
N ARG A 395 -17.44 -30.03 19.84
CA ARG A 395 -17.39 -29.06 18.77
C ARG A 395 -17.19 -27.61 19.20
N ILE A 396 -17.99 -27.15 20.14
CA ILE A 396 -17.95 -25.75 20.55
C ILE A 396 -16.68 -25.37 21.31
N ASP A 397 -16.21 -26.25 22.17
CA ASP A 397 -14.93 -26.03 22.84
C ASP A 397 -13.77 -26.07 21.86
N VAL A 398 -13.83 -26.96 20.88
CA VAL A 398 -12.76 -27.06 19.89
C VAL A 398 -12.73 -25.82 19.00
N LEU A 399 -13.91 -25.27 18.74
CA LEU A 399 -14.02 -24.06 17.97
C LEU A 399 -13.43 -22.87 18.69
N LYS A 400 -13.54 -22.80 20.02
CA LYS A 400 -12.87 -21.77 20.79
C LYS A 400 -11.38 -21.71 20.41
N MET A 401 -10.73 -22.85 20.39
CA MET A 401 -9.33 -22.93 20.02
C MET A 401 -9.11 -22.50 18.57
N LEU A 402 -9.89 -23.06 17.65
CA LEU A 402 -9.82 -22.70 16.21
C LEU A 402 -10.07 -21.21 15.93
N GLN A 403 -10.72 -20.53 16.87
CA GLN A 403 -10.99 -19.09 16.77
C GLN A 403 -9.78 -18.29 17.20
N GLY A 404 -8.79 -18.96 17.78
CA GLY A 404 -7.57 -18.31 18.25
C GLY A 404 -7.68 -17.80 19.67
N ASP A 405 -8.76 -18.19 20.34
CA ASP A 405 -9.11 -17.68 21.66
C ASP A 405 -8.45 -18.55 22.72
N PHE A 406 -7.17 -18.36 23.01
CA PHE A 406 -6.54 -19.18 24.05
C PHE A 406 -5.81 -18.41 25.14
N TYR A 407 -6.33 -17.20 25.45
CA TYR A 407 -5.72 -16.28 26.41
C TYR A 407 -6.42 -16.11 27.75
N ASP A 408 -7.58 -16.72 27.93
CA ASP A 408 -8.30 -16.64 29.21
C ASP A 408 -7.71 -17.66 30.21
N GLY A 409 -7.16 -18.75 29.69
CA GLY A 409 -6.29 -19.60 30.50
C GLY A 409 -6.80 -21.00 30.78
N GLU A 410 -7.81 -21.09 31.65
CA GLU A 410 -8.28 -22.39 32.15
C GLU A 410 -8.36 -23.41 31.04
N GLU A 411 -7.66 -24.54 31.19
CA GLU A 411 -7.41 -25.44 30.06
C GLU A 411 -8.72 -25.77 29.40
N PRO A 412 -8.82 -25.60 28.07
CA PRO A 412 -10.04 -26.06 27.42
C PRO A 412 -10.28 -27.54 27.69
N LYS A 413 -11.53 -27.87 27.96
CA LYS A 413 -11.87 -29.22 28.38
C LYS A 413 -11.61 -30.20 27.24
N ALA A 414 -11.90 -29.78 26.01
CA ALA A 414 -11.77 -30.66 24.85
C ALA A 414 -10.34 -31.13 24.61
N LEU A 415 -9.39 -30.22 24.80
CA LEU A 415 -7.97 -30.51 24.65
C LEU A 415 -7.51 -31.60 25.63
N LYS A 416 -7.96 -31.54 26.88
CA LYS A 416 -7.66 -32.58 27.87
C LYS A 416 -8.20 -33.95 27.44
N ALA A 417 -9.47 -33.98 27.05
CA ALA A 417 -10.12 -35.19 26.56
C ALA A 417 -9.37 -35.79 25.36
N MET A 418 -8.93 -34.93 24.44
CA MET A 418 -8.13 -35.39 23.32
C MET A 418 -6.82 -36.05 23.76
N ARG A 419 -6.07 -35.34 24.58
CA ARG A 419 -4.81 -35.86 25.11
C ARG A 419 -4.99 -37.24 25.77
N ASP A 420 -5.90 -37.31 26.73
CA ASP A 420 -6.19 -38.55 27.46
C ASP A 420 -6.53 -39.71 26.50
N LEU A 421 -7.30 -39.40 25.45
CA LEU A 421 -7.72 -40.39 24.47
C LEU A 421 -6.59 -40.81 23.54
N VAL A 422 -5.72 -39.89 23.18
CA VAL A 422 -4.55 -40.23 22.38
C VAL A 422 -3.65 -41.17 23.16
N THR A 423 -3.47 -40.90 24.45
CA THR A 423 -2.69 -41.78 25.31
C THR A 423 -3.24 -43.22 25.28
N LYS A 424 -4.52 -43.37 25.53
CA LYS A 424 -5.13 -44.68 25.69
C LYS A 424 -4.93 -45.50 24.42
N VAL A 425 -5.12 -44.84 23.29
CA VAL A 425 -4.95 -45.44 21.98
C VAL A 425 -3.50 -45.85 21.73
N GLU A 426 -2.59 -44.92 22.02
CA GLU A 426 -1.15 -45.15 21.88
C GLU A 426 -0.69 -46.39 22.64
N ASN A 427 -1.18 -46.53 23.88
CA ASN A 427 -0.70 -47.59 24.75
C ASN A 427 -1.28 -48.95 24.41
N ASP A 428 -2.47 -48.95 23.80
CA ASP A 428 -3.18 -50.18 23.50
C ASP A 428 -3.06 -50.48 22.00
N PRO A 429 -2.22 -51.48 21.62
CA PRO A 429 -2.02 -51.79 20.20
C PRO A 429 -3.19 -52.51 19.52
N GLU A 430 -4.20 -52.88 20.29
CA GLU A 430 -5.33 -53.59 19.78
C GLU A 430 -6.61 -52.76 20.02
N HIS A 431 -6.40 -51.44 20.21
CA HIS A 431 -7.46 -50.42 20.14
C HIS A 431 -7.85 -50.20 18.68
N LEU A 432 -9.14 -50.04 18.41
CA LEU A 432 -9.67 -49.90 17.05
C LEU A 432 -9.02 -48.77 16.23
N TRP A 433 -8.61 -47.70 16.89
CA TRP A 433 -8.00 -46.53 16.25
C TRP A 433 -6.46 -46.56 16.22
N HIS A 434 -5.83 -47.50 16.91
CA HIS A 434 -4.37 -47.63 16.87
C HIS A 434 -3.74 -47.63 15.48
N PRO A 435 -4.36 -48.29 14.47
CA PRO A 435 -3.82 -48.23 13.10
C PRO A 435 -3.89 -46.85 12.40
N TYR A 436 -4.53 -45.85 13.00
CA TYR A 436 -4.63 -44.51 12.41
C TYR A 436 -3.66 -43.46 13.00
N LEU A 437 -2.89 -43.87 13.99
CA LEU A 437 -1.92 -42.97 14.57
C LEU A 437 -0.89 -42.59 13.54
N GLY A 438 -0.67 -41.28 13.39
CA GLY A 438 0.33 -40.74 12.46
C GLY A 438 1.75 -40.81 12.99
N THR A 439 2.72 -40.48 12.14
CA THR A 439 4.11 -40.62 12.54
C THR A 439 5.02 -39.56 11.91
N LEU A 440 5.60 -38.68 12.74
CA LEU A 440 6.54 -37.63 12.32
C LEU A 440 7.99 -38.03 12.59
N ARG A 441 8.83 -38.08 11.55
CA ARG A 441 10.26 -38.33 11.78
C ARG A 441 10.83 -37.22 12.68
N ALA A 442 11.79 -37.58 13.53
CA ALA A 442 12.63 -36.60 14.26
C ALA A 442 13.50 -35.79 13.30
N GLN B 2 34.80 6.12 -5.31
CA GLN B 2 34.24 5.68 -3.99
C GLN B 2 32.89 6.38 -3.57
N PRO B 3 32.03 6.85 -4.51
CA PRO B 3 30.77 7.41 -4.01
C PRO B 3 29.77 6.33 -3.66
N ASP B 4 28.82 6.63 -2.79
CA ASP B 4 27.81 5.65 -2.43
C ASP B 4 26.97 5.28 -3.63
N PHE B 5 26.51 6.29 -4.37
CA PHE B 5 25.65 6.08 -5.54
C PHE B 5 26.16 6.82 -6.75
N ASP B 6 25.71 6.38 -7.91
CA ASP B 6 25.94 7.08 -9.15
C ASP B 6 24.96 8.28 -9.27
N ALA B 7 23.70 8.04 -8.90
CA ALA B 7 22.69 9.10 -8.82
C ALA B 7 21.91 9.01 -7.54
N ALA B 8 21.50 10.16 -7.05
CA ALA B 8 20.66 10.26 -5.87
C ALA B 8 19.47 11.12 -6.21
N ILE B 9 18.29 10.67 -5.84
CA ILE B 9 17.06 11.33 -6.21
C ILE B 9 16.32 11.83 -4.98
N VAL B 10 15.99 13.11 -4.98
CA VAL B 10 15.35 13.74 -3.84
C VAL B 10 13.83 13.84 -4.04
N GLY B 11 13.08 13.01 -3.35
CA GLY B 11 11.63 12.94 -3.52
C GLY B 11 11.24 11.65 -4.25
N GLY B 12 10.17 11.00 -3.78
CA GLY B 12 9.68 9.76 -4.38
C GLY B 12 8.28 9.79 -5.00
N GLY B 13 7.81 10.96 -5.39
CA GLY B 13 6.61 11.06 -6.20
C GLY B 13 6.83 10.50 -7.62
N PRO B 14 5.85 10.70 -8.50
CA PRO B 14 5.87 10.20 -9.88
C PRO B 14 7.13 10.54 -10.68
N ALA B 15 7.67 11.75 -10.48
CA ALA B 15 8.91 12.13 -11.12
C ALA B 15 10.05 11.28 -10.57
N GLY B 16 10.24 11.32 -9.26
CA GLY B 16 11.32 10.57 -8.60
C GLY B 16 11.31 9.08 -8.88
N SER B 17 10.14 8.44 -8.69
CA SER B 17 9.98 7.00 -8.88
C SER B 17 10.28 6.58 -10.32
N ALA B 18 9.68 7.30 -11.26
CA ALA B 18 9.91 7.07 -12.69
C ALA B 18 11.39 7.20 -13.06
N MET B 19 12.04 8.27 -12.60
CA MET B 19 13.45 8.48 -12.87
C MET B 19 14.30 7.30 -12.35
N ALA B 20 14.10 6.97 -11.11
CA ALA B 20 14.84 5.88 -10.50
C ALA B 20 14.66 4.57 -11.28
N SER B 21 13.44 4.31 -11.69
CA SER B 21 13.13 3.07 -12.35
C SER B 21 13.87 2.96 -13.69
N TYR B 22 13.84 4.05 -14.45
CA TYR B 22 14.64 4.16 -15.68
C TYR B 22 16.14 4.00 -15.43
N LEU B 23 16.65 4.58 -14.35
CA LEU B 23 18.10 4.57 -14.08
C LEU B 23 18.60 3.20 -13.64
N ALA B 24 17.77 2.51 -12.87
CA ALA B 24 18.12 1.20 -12.39
C ALA B 24 18.13 0.21 -13.57
N GLU B 25 17.07 0.19 -14.37
CA GLU B 25 17.06 -0.67 -15.55
C GLU B 25 18.31 -0.46 -16.39
N ALA B 26 18.80 0.78 -16.46
CA ALA B 26 19.99 1.10 -17.25
C ALA B 26 21.31 0.64 -16.61
N GLY B 27 21.28 0.24 -15.34
CA GLY B 27 22.43 -0.33 -14.65
C GLY B 27 23.11 0.54 -13.60
N LEU B 28 22.62 1.76 -13.41
CA LEU B 28 23.19 2.65 -12.38
C LEU B 28 22.82 2.25 -10.96
N SER B 29 23.74 2.51 -10.05
CA SER B 29 23.47 2.52 -8.63
C SER B 29 22.63 3.76 -8.30
N VAL B 30 21.38 3.56 -7.88
CA VAL B 30 20.46 4.68 -7.68
C VAL B 30 19.91 4.70 -6.28
N ALA B 31 19.81 5.90 -5.69
CA ALA B 31 19.13 6.07 -4.42
C ALA B 31 17.96 7.07 -4.52
N VAL B 32 16.86 6.75 -3.84
CA VAL B 32 15.74 7.66 -3.72
C VAL B 32 15.50 7.98 -2.27
N PHE B 33 15.45 9.28 -1.96
CA PHE B 33 15.16 9.75 -0.62
C PHE B 33 13.78 10.39 -0.58
N GLU B 34 12.95 9.95 0.37
CA GLU B 34 11.60 10.46 0.57
C GLU B 34 11.42 10.73 2.05
N SER B 35 11.06 11.95 2.39
CA SER B 35 10.91 12.38 3.77
C SER B 35 9.67 11.82 4.43
N GLU B 36 8.66 11.49 3.63
CA GLU B 36 7.39 10.93 4.12
C GLU B 36 7.46 9.42 4.20
N MET B 37 6.43 8.83 4.80
CA MET B 37 6.15 7.40 4.69
C MET B 37 4.92 7.15 3.84
N PHE B 38 5.07 6.34 2.81
CA PHE B 38 4.00 6.01 1.90
C PHE B 38 3.13 4.89 2.47
N PRO B 39 1.81 4.90 2.23
CA PRO B 39 1.10 5.85 1.38
C PRO B 39 0.84 7.12 2.16
N ARG B 40 0.89 8.24 1.45
CA ARG B 40 0.74 9.56 2.02
C ARG B 40 -0.20 10.33 1.10
N PRO B 41 -1.16 11.07 1.70
CA PRO B 41 -2.12 11.83 0.87
C PRO B 41 -1.41 12.87 0.03
N HIS B 42 -1.94 13.13 -1.15
CA HIS B 42 -1.35 14.11 -2.06
C HIS B 42 -2.36 14.52 -3.11
N ILE B 43 -2.44 15.81 -3.37
CA ILE B 43 -3.29 16.35 -4.44
C ILE B 43 -2.77 15.94 -5.84
N GLY B 44 -3.66 15.93 -6.82
CA GLY B 44 -3.27 15.75 -8.21
C GLY B 44 -3.60 14.38 -8.75
N GLU B 45 -4.89 14.16 -8.98
CA GLU B 45 -5.50 12.84 -9.04
C GLU B 45 -5.92 12.35 -10.42
N SER B 46 -6.31 13.26 -11.31
CA SER B 46 -6.83 12.90 -12.63
C SER B 46 -5.77 12.95 -13.70
N LEU B 47 -5.46 11.81 -14.30
CA LEU B 47 -4.34 11.74 -15.24
C LEU B 47 -4.79 12.07 -16.63
N VAL B 48 -3.82 12.32 -17.51
CA VAL B 48 -4.08 12.46 -18.94
C VAL B 48 -3.29 11.40 -19.64
N PRO B 49 -3.73 11.05 -20.86
CA PRO B 49 -3.18 9.86 -21.51
C PRO B 49 -1.67 9.89 -21.81
N ALA B 50 -1.04 11.07 -21.88
CA ALA B 50 0.42 11.13 -22.00
C ALA B 50 1.20 10.48 -20.82
N THR B 51 0.51 10.11 -19.74
CA THR B 51 1.14 9.33 -18.65
C THR B 51 1.45 7.91 -19.11
N MET B 52 0.57 7.37 -19.94
CA MET B 52 0.49 5.92 -20.16
C MET B 52 1.72 5.32 -20.84
N PRO B 53 2.27 5.99 -21.87
CA PRO B 53 3.49 5.50 -22.54
C PRO B 53 4.65 5.32 -21.58
N VAL B 54 4.77 6.26 -20.65
CA VAL B 54 5.81 6.17 -19.63
C VAL B 54 5.53 5.01 -18.70
N LEU B 55 4.29 4.90 -18.23
CA LEU B 55 3.93 3.81 -17.31
C LEU B 55 4.14 2.46 -17.94
N ASP B 56 3.76 2.33 -19.22
CA ASP B 56 4.06 1.12 -20.00
C ASP B 56 5.55 0.88 -20.09
N GLU B 57 6.27 1.86 -20.64
CA GLU B 57 7.69 1.73 -20.92
C GLU B 57 8.44 1.17 -19.71
N ILE B 58 8.23 1.75 -18.52
CA ILE B 58 8.92 1.30 -17.28
C ILE B 58 8.36 -0.02 -16.69
N GLY B 59 7.23 -0.49 -17.23
CA GLY B 59 6.76 -1.84 -16.95
C GLY B 59 5.91 -1.96 -15.69
N VAL B 60 5.14 -0.91 -15.40
CA VAL B 60 4.29 -0.87 -14.20
C VAL B 60 2.80 -0.88 -14.48
N MET B 61 2.39 -0.95 -15.74
CA MET B 61 0.95 -0.94 -16.02
C MET B 61 0.17 -2.10 -15.37
N PRO B 62 0.70 -3.31 -15.40
CA PRO B 62 -0.04 -4.37 -14.73
C PRO B 62 -0.35 -4.05 -13.27
N ASP B 63 0.64 -3.57 -12.54
CA ASP B 63 0.44 -3.23 -11.16
C ASP B 63 -0.54 -2.08 -11.00
N ILE B 64 -0.53 -1.15 -11.94
CA ILE B 64 -1.52 -0.06 -11.94
C ILE B 64 -2.91 -0.59 -12.22
N GLU B 65 -3.00 -1.44 -13.24
CA GLU B 65 -4.29 -2.02 -13.63
C GLU B 65 -4.88 -2.80 -12.47
N ALA B 66 -4.06 -3.50 -11.71
CA ALA B 66 -4.55 -4.31 -10.60
C ALA B 66 -5.07 -3.49 -9.40
N ALA B 67 -4.72 -2.22 -9.35
CA ALA B 67 -5.08 -1.33 -8.23
C ALA B 67 -6.57 -0.98 -8.21
N GLY B 68 -7.26 -1.11 -9.35
CA GLY B 68 -8.70 -0.84 -9.45
C GLY B 68 -9.09 0.63 -9.44
N PHE B 69 -8.22 1.49 -9.95
CA PHE B 69 -8.53 2.92 -10.06
C PHE B 69 -9.65 3.16 -11.08
N PRO B 70 -10.47 4.20 -10.87
CA PRO B 70 -11.49 4.51 -11.85
C PRO B 70 -10.91 4.90 -13.22
N LYS B 71 -11.44 4.32 -14.28
CA LYS B 71 -10.97 4.63 -15.62
C LYS B 71 -11.51 5.96 -16.05
N LYS B 72 -10.71 6.69 -16.81
CA LYS B 72 -11.06 8.03 -17.27
C LYS B 72 -11.11 8.00 -18.78
N TYR B 73 -12.32 8.12 -19.31
CA TYR B 73 -12.54 8.02 -20.76
C TYR B 73 -12.65 9.37 -21.42
N GLY B 74 -12.87 10.40 -20.61
CA GLY B 74 -13.06 11.72 -21.15
C GLY B 74 -13.11 12.73 -20.06
N ALA B 75 -13.37 13.96 -20.50
CA ALA B 75 -13.43 15.11 -19.62
C ALA B 75 -14.62 15.94 -20.06
N ALA B 76 -15.21 16.66 -19.10
CA ALA B 76 -16.39 17.46 -19.32
C ALA B 76 -16.27 18.82 -18.64
N TRP B 77 -17.08 19.76 -19.10
CA TRP B 77 -17.15 21.06 -18.51
C TRP B 77 -18.60 21.37 -18.40
N THR B 78 -18.98 22.00 -17.28
CA THR B 78 -20.29 22.64 -17.16
C THR B 78 -20.25 24.09 -16.63
N SER B 79 -21.35 24.81 -16.83
CA SER B 79 -21.52 26.11 -16.23
C SER B 79 -23.00 26.52 -16.14
N ALA B 80 -23.28 27.77 -15.75
CA ALA B 80 -24.63 28.27 -15.57
C ALA B 80 -24.80 29.78 -15.87
N HIS B 87 -23.19 33.00 -29.40
CA HIS B 87 -22.59 31.88 -30.17
C HIS B 87 -21.47 32.37 -31.11
N ASN B 88 -21.66 33.55 -31.70
CA ASN B 88 -20.72 34.19 -32.64
C ASN B 88 -20.02 33.24 -33.62
N GLY B 89 -20.85 32.46 -34.30
CA GLY B 89 -20.42 31.59 -35.38
C GLY B 89 -19.91 30.22 -34.98
N PHE B 90 -19.84 29.94 -33.68
CA PHE B 90 -19.31 28.67 -33.23
C PHE B 90 -20.42 27.67 -33.19
N THR B 91 -20.06 26.42 -33.46
CA THR B 91 -21.04 25.36 -33.59
C THR B 91 -20.65 24.21 -32.71
N GLY B 92 -21.51 23.19 -32.73
CA GLY B 92 -21.30 21.98 -31.93
C GLY B 92 -21.90 22.20 -30.56
N LEU B 93 -22.50 23.36 -30.33
CA LEU B 93 -22.92 23.75 -29.00
C LEU B 93 -24.33 23.28 -28.73
N ASP B 94 -24.49 21.96 -28.67
CA ASP B 94 -25.79 21.37 -28.42
C ASP B 94 -26.43 21.90 -27.12
N HIS B 95 -25.61 22.23 -26.11
CA HIS B 95 -26.12 22.71 -24.82
C HIS B 95 -25.75 24.13 -24.51
N ASP B 96 -25.57 24.93 -25.56
CA ASP B 96 -25.07 26.30 -25.40
C ASP B 96 -23.76 26.28 -24.59
N PHE B 97 -23.62 27.15 -23.59
CA PHE B 97 -22.39 27.22 -22.80
C PHE B 97 -22.49 26.55 -21.40
N LYS B 98 -23.48 25.69 -21.21
CA LYS B 98 -23.65 24.97 -19.95
C LYS B 98 -23.01 23.57 -19.98
N ALA B 99 -22.58 23.10 -21.15
CA ALA B 99 -21.92 21.78 -21.23
C ALA B 99 -21.04 21.58 -22.45
N ALA B 100 -19.86 21.01 -22.19
CA ALA B 100 -18.97 20.46 -23.23
C ALA B 100 -18.39 19.12 -22.76
N GLU B 101 -18.13 18.20 -23.69
CA GLU B 101 -17.51 16.88 -23.38
C GLU B 101 -16.56 16.45 -24.48
N VAL B 102 -15.52 15.73 -24.09
CA VAL B 102 -14.62 15.15 -25.05
C VAL B 102 -14.11 13.80 -24.55
N MET B 103 -13.84 12.90 -25.49
CA MET B 103 -13.35 11.55 -25.21
C MET B 103 -11.96 11.40 -25.80
N PHE B 104 -11.00 10.90 -25.02
CA PHE B 104 -9.60 10.91 -25.45
C PHE B 104 -9.36 10.13 -26.73
N VAL B 105 -10.17 9.12 -26.97
CA VAL B 105 -10.09 8.31 -28.18
C VAL B 105 -10.46 9.04 -29.47
N GLU B 106 -11.07 10.21 -29.39
CA GLU B 106 -11.41 10.99 -30.58
C GLU B 106 -10.21 11.43 -31.40
N ARG B 107 -9.01 11.38 -30.82
CA ARG B 107 -7.78 11.72 -31.54
C ARG B 107 -6.75 10.63 -31.32
N ASP B 108 -6.09 10.20 -32.40
CA ASP B 108 -4.97 9.26 -32.30
C ASP B 108 -3.81 9.96 -31.64
N GLN B 109 -3.26 9.32 -30.61
CA GLN B 109 -2.17 9.86 -29.83
C GLN B 109 -1.01 8.86 -29.91
N PRO B 110 0.20 9.31 -30.27
CA PRO B 110 1.29 8.37 -30.47
C PRO B 110 1.85 7.81 -29.16
N GLY B 111 2.10 6.50 -29.13
CA GLY B 111 2.47 5.79 -27.90
C GLY B 111 1.28 5.34 -27.06
N VAL B 112 0.07 5.72 -27.47
CA VAL B 112 -1.11 5.34 -26.73
C VAL B 112 -1.99 4.41 -27.56
N HIS B 113 -2.33 3.26 -27.00
CA HIS B 113 -3.14 2.25 -27.69
C HIS B 113 -4.42 1.87 -26.91
N ARG B 114 -4.74 2.66 -25.89
CA ARG B 114 -5.93 2.44 -25.07
C ARG B 114 -6.95 3.57 -25.17
N ASP B 115 -8.17 3.27 -24.72
CA ASP B 115 -9.29 4.21 -24.70
C ASP B 115 -9.27 5.12 -23.50
N TYR B 116 -8.51 4.74 -22.48
CA TYR B 116 -8.69 5.30 -21.15
C TYR B 116 -7.35 5.56 -20.49
N THR B 117 -7.37 6.50 -19.56
CA THR B 117 -6.35 6.56 -18.50
C THR B 117 -7.08 6.43 -17.13
N PHE B 118 -6.53 6.99 -16.06
CA PHE B 118 -7.12 6.76 -14.74
C PHE B 118 -7.23 8.01 -13.92
N HIS B 119 -8.17 8.00 -12.96
CA HIS B 119 -8.23 8.97 -11.86
C HIS B 119 -7.74 8.18 -10.68
N VAL B 120 -6.98 8.80 -9.79
CA VAL B 120 -6.16 8.04 -8.89
C VAL B 120 -6.05 8.60 -7.48
N ASP B 121 -6.16 7.73 -6.48
CA ASP B 121 -5.70 8.02 -5.12
C ASP B 121 -4.17 8.09 -5.21
N ARG B 122 -3.64 9.29 -5.07
CA ARG B 122 -2.20 9.51 -5.17
C ARG B 122 -1.39 8.76 -4.10
N GLY B 123 -1.93 8.63 -2.91
CA GLY B 123 -1.35 7.75 -1.90
C GLY B 123 -0.97 6.37 -2.43
N LYS B 124 -1.96 5.64 -2.96
CA LYS B 124 -1.72 4.31 -3.55
C LYS B 124 -0.83 4.40 -4.79
N PHE B 125 -1.07 5.42 -5.61
CA PHE B 125 -0.44 5.53 -6.94
C PHE B 125 1.07 5.71 -6.83
N ASP B 126 1.47 6.56 -5.89
CA ASP B 126 2.86 6.84 -5.70
C ASP B 126 3.56 5.66 -5.03
N LEU B 127 2.85 4.96 -4.17
CA LEU B 127 3.41 3.78 -3.50
C LEU B 127 3.73 2.71 -4.53
N ILE B 128 2.78 2.41 -5.42
CA ILE B 128 3.03 1.44 -6.51
C ILE B 128 4.26 1.81 -7.37
N LEU B 129 4.40 3.07 -7.73
CA LEU B 129 5.59 3.49 -8.51
C LEU B 129 6.91 3.42 -7.73
N LEU B 130 6.85 3.81 -6.45
CA LEU B 130 8.02 3.79 -5.61
C LEU B 130 8.45 2.34 -5.30
N LYS B 131 7.53 1.42 -4.98
CA LYS B 131 7.94 0.00 -4.79
C LYS B 131 8.44 -0.60 -6.09
N HIS B 132 7.79 -0.23 -7.19
CA HIS B 132 8.24 -0.73 -8.50
C HIS B 132 9.67 -0.28 -8.78
N ALA B 133 10.02 0.94 -8.40
CA ALA B 133 11.38 1.40 -8.57
C ALA B 133 12.31 0.50 -7.77
N GLU B 134 11.93 0.19 -6.53
CA GLU B 134 12.75 -0.70 -5.72
C GLU B 134 12.92 -2.07 -6.38
N SER B 135 11.82 -2.67 -6.86
CA SER B 135 11.90 -3.96 -7.56
C SER B 135 12.86 -3.96 -8.76
N ARG B 136 13.09 -2.83 -9.42
CA ARG B 136 13.98 -2.78 -10.59
C ARG B 136 15.43 -2.41 -10.21
N GLY B 137 15.74 -2.33 -8.91
CA GLY B 137 17.13 -2.08 -8.42
C GLY B 137 17.39 -0.88 -7.50
N ALA B 138 16.58 0.19 -7.61
CA ALA B 138 16.75 1.40 -6.78
C ALA B 138 16.75 1.17 -5.27
N GLN B 139 17.63 1.88 -4.56
CA GLN B 139 17.64 1.91 -3.10
C GLN B 139 16.74 3.03 -2.66
N VAL B 140 15.64 2.69 -1.98
CA VAL B 140 14.67 3.65 -1.50
C VAL B 140 14.72 3.88 0.02
N PHE B 141 14.80 5.15 0.42
CA PHE B 141 14.90 5.53 1.82
C PHE B 141 13.79 6.48 2.20
N GLN B 142 12.82 5.96 2.95
CA GLN B 142 11.69 6.71 3.42
C GLN B 142 11.96 7.31 4.79
N LYS B 143 11.08 8.24 5.18
CA LYS B 143 11.28 9.13 6.33
C LYS B 143 12.71 9.70 6.44
N THR B 144 13.33 9.94 5.29
CA THR B 144 14.70 10.44 5.20
C THR B 144 14.64 11.76 4.47
N ARG B 145 14.84 12.86 5.19
CA ARG B 145 14.78 14.22 4.63
C ARG B 145 16.16 14.74 4.18
N VAL B 146 16.28 15.11 2.90
CA VAL B 146 17.50 15.74 2.44
C VAL B 146 17.41 17.22 2.77
N LEU B 147 18.38 17.71 3.55
CA LEU B 147 18.42 19.11 3.97
C LEU B 147 19.21 19.99 3.01
N LYS B 148 20.31 19.46 2.47
CA LYS B 148 21.16 20.22 1.55
C LYS B 148 21.91 19.28 0.60
N ALA B 149 22.24 19.82 -0.57
CA ALA B 149 23.16 19.22 -1.50
C ALA B 149 24.46 20.02 -1.47
N ASP B 150 25.47 19.50 -0.78
CA ASP B 150 26.74 20.21 -0.66
C ASP B 150 27.61 19.92 -1.89
N PHE B 151 27.86 20.94 -2.69
CA PHE B 151 28.73 20.77 -3.84
C PHE B 151 30.16 21.11 -3.42
N THR B 153 35.03 19.68 -4.24
CA THR B 153 34.89 18.26 -4.09
C THR B 153 34.44 17.65 -5.46
N ASP B 154 34.68 16.33 -5.58
CA ASP B 154 34.46 15.55 -6.81
C ASP B 154 33.09 14.89 -6.89
N PRO B 155 32.41 14.70 -5.75
CA PRO B 155 31.00 14.36 -5.78
C PRO B 155 30.16 15.40 -5.05
N ASP B 156 28.89 15.06 -4.82
CA ASP B 156 28.02 15.85 -3.95
C ASP B 156 27.67 15.06 -2.71
N LEU B 157 27.82 15.70 -1.54
CA LEU B 157 27.42 15.11 -0.29
C LEU B 157 26.00 15.66 -0.04
N VAL B 158 25.06 14.75 0.13
CA VAL B 158 23.68 15.06 0.45
C VAL B 158 23.60 14.93 1.98
N THR B 159 23.09 15.93 2.65
CA THR B 159 23.05 15.93 4.11
C THR B 159 21.60 15.72 4.53
N LEU B 160 21.32 14.70 5.34
CA LEU B 160 19.95 14.21 5.57
C LEU B 160 19.51 14.01 7.02
N LEU B 164 16.89 11.83 9.23
CA LEU B 164 16.26 10.59 9.75
C LEU B 164 16.09 10.51 11.26
N GLY B 165 14.94 10.96 11.75
CA GLY B 165 14.65 11.00 13.19
C GLY B 165 15.61 11.96 13.87
N PRO B 166 16.22 11.54 14.98
CA PRO B 166 17.25 12.35 15.63
C PRO B 166 18.67 12.23 15.00
N ARG B 167 18.78 11.45 13.94
CA ARG B 167 20.08 11.17 13.34
C ARG B 167 20.24 11.94 12.04
N THR B 168 21.42 12.49 11.87
CA THR B 168 21.84 13.15 10.65
C THR B 168 22.84 12.27 9.96
N LEU B 169 22.72 12.12 8.64
CA LEU B 169 23.66 11.32 7.87
C LEU B 169 23.95 11.92 6.51
N ASP B 170 25.11 11.58 5.98
CA ASP B 170 25.54 12.02 4.68
C ASP B 170 25.55 10.83 3.77
N PHE B 171 25.34 11.11 2.48
CA PHE B 171 25.52 10.11 1.43
C PHE B 171 26.16 10.76 0.22
N THR B 172 26.86 9.97 -0.57
CA THR B 172 27.61 10.54 -1.67
C THR B 172 27.06 10.05 -3.01
N THR B 173 27.10 10.97 -3.96
CA THR B 173 26.64 10.67 -5.30
C THR B 173 27.45 11.44 -6.34
N ARG B 174 27.50 10.93 -7.55
CA ARG B 174 28.12 11.70 -8.62
C ARG B 174 27.13 12.76 -9.12
N MET B 175 25.83 12.48 -8.98
CA MET B 175 24.78 13.27 -9.63
C MET B 175 23.56 13.41 -8.72
N VAL B 176 23.04 14.63 -8.61
CA VAL B 176 21.77 14.87 -7.89
C VAL B 176 20.59 15.16 -8.79
N ILE B 177 19.44 14.55 -8.46
CA ILE B 177 18.22 14.79 -9.21
C ILE B 177 17.18 15.21 -8.23
N ASP B 178 16.69 16.43 -8.41
CA ASP B 178 15.71 17.02 -7.53
C ASP B 178 14.30 16.76 -8.04
N ALA B 179 13.61 15.87 -7.33
CA ALA B 179 12.20 15.57 -7.58
C ALA B 179 11.35 15.95 -6.38
N SER B 180 11.63 17.11 -5.77
CA SER B 180 11.00 17.52 -4.53
C SER B 180 9.59 18.05 -4.71
N GLY B 181 9.13 18.14 -5.95
CA GLY B 181 7.82 18.72 -6.21
C GLY B 181 7.78 20.19 -5.80
N ARG B 182 6.65 20.62 -5.27
CA ARG B 182 6.42 22.02 -4.82
C ARG B 182 7.34 22.49 -3.69
N GLN B 183 8.08 21.59 -3.05
CA GLN B 183 9.02 22.02 -2.03
C GLN B 183 10.33 22.51 -2.64
N THR B 184 10.51 22.29 -3.94
CA THR B 184 11.60 22.87 -4.72
C THR B 184 12.86 23.04 -3.91
N MET B 185 13.45 21.93 -3.52
CA MET B 185 14.60 21.93 -2.64
C MET B 185 15.81 22.71 -3.23
N LEU B 186 16.26 22.32 -4.41
CA LEU B 186 17.37 22.99 -5.07
C LEU B 186 16.97 24.35 -5.64
N GLY B 187 15.78 24.47 -6.17
CA GLY B 187 15.29 25.78 -6.58
C GLY B 187 15.50 26.81 -5.50
N ASN B 188 15.14 26.46 -4.27
CA ASN B 188 15.33 27.34 -3.15
C ASN B 188 16.79 27.37 -2.74
N GLN B 189 17.43 26.23 -2.68
CA GLN B 189 18.83 26.23 -2.21
C GLN B 189 19.68 27.18 -3.04
N LEU B 190 19.56 27.06 -4.37
CA LEU B 190 20.33 27.86 -5.32
C LEU B 190 19.71 29.23 -5.61
N LYS B 191 18.56 29.51 -5.03
CA LYS B 191 17.90 30.82 -5.19
C LYS B 191 17.64 31.17 -6.66
N VAL B 192 17.15 30.20 -7.43
CA VAL B 192 16.82 30.38 -8.85
C VAL B 192 15.31 30.27 -9.13
N LYS B 193 14.54 30.09 -8.07
CA LYS B 193 13.10 30.00 -8.17
C LYS B 193 12.49 31.37 -8.34
N VAL B 194 11.59 31.49 -9.32
CA VAL B 194 10.95 32.74 -9.67
C VAL B 194 9.43 32.55 -9.64
N PRO B 195 8.70 33.25 -8.74
CA PRO B 195 7.22 33.14 -8.70
C PRO B 195 6.60 33.76 -9.94
N ASP B 196 5.48 33.22 -10.40
CA ASP B 196 4.88 33.73 -11.62
C ASP B 196 4.38 35.16 -11.34
N PRO B 197 4.69 36.10 -12.26
CA PRO B 197 4.31 37.47 -11.99
C PRO B 197 2.81 37.70 -12.13
N VAL B 198 2.08 36.73 -12.69
CA VAL B 198 0.64 36.86 -12.69
C VAL B 198 -0.18 35.78 -12.01
N PHE B 199 0.06 34.52 -12.35
CA PHE B 199 -0.79 33.48 -11.76
C PHE B 199 -0.53 33.38 -10.28
N ASN B 200 -1.57 33.58 -9.46
CA ASN B 200 -1.55 33.25 -8.03
C ASN B 200 -2.85 32.63 -7.55
N GLN B 201 -3.25 31.48 -8.08
CA GLN B 201 -4.52 30.86 -7.65
C GLN B 201 -4.31 30.12 -6.33
N TYR B 202 -5.42 29.75 -5.69
CA TYR B 202 -5.45 29.10 -4.40
C TYR B 202 -6.47 27.99 -4.46
N ALA B 203 -6.11 26.78 -4.03
CA ALA B 203 -7.02 25.64 -4.12
C ALA B 203 -7.40 25.15 -2.72
N ILE B 204 -8.67 24.85 -2.53
CA ILE B 204 -9.18 24.24 -1.32
C ILE B 204 -9.97 23.01 -1.72
N HIS B 205 -9.71 21.88 -1.08
CA HIS B 205 -10.30 20.63 -1.55
C HIS B 205 -10.46 19.60 -0.44
N ALA B 206 -11.26 18.58 -0.76
CA ALA B 206 -11.49 17.45 0.15
C ALA B 206 -12.09 16.28 -0.60
N TRP B 207 -12.18 15.14 0.08
CA TRP B 207 -12.84 13.94 -0.42
C TRP B 207 -14.22 13.84 0.20
N PHE B 208 -15.18 13.40 -0.62
CA PHE B 208 -16.56 13.22 -0.18
C PHE B 208 -17.00 11.81 -0.59
N GLU B 209 -17.81 11.20 0.26
CA GLU B 209 -18.44 9.92 -0.08
C GLU B 209 -19.90 10.14 -0.35
N GLY B 210 -20.39 9.48 -1.37
CA GLY B 210 -21.83 9.42 -1.62
C GLY B 210 -22.40 10.55 -2.44
N LEU B 211 -21.55 11.39 -3.02
CA LEU B 211 -22.02 12.35 -3.95
C LEU B 211 -22.52 11.55 -5.17
N ASP B 212 -23.68 11.92 -5.68
CA ASP B 212 -24.24 11.24 -6.84
C ASP B 212 -23.68 11.89 -8.07
N ARG B 213 -22.70 11.24 -8.69
CA ARG B 213 -21.98 11.81 -9.83
C ARG B 213 -22.88 11.82 -11.12
N THR B 214 -24.06 11.19 -11.05
CA THR B 214 -25.10 11.35 -12.09
C THR B 214 -25.77 12.74 -12.13
N ALA B 215 -25.81 13.42 -11.00
CA ALA B 215 -26.39 14.77 -10.93
C ALA B 215 -25.86 15.66 -12.06
N MET B 216 -24.56 15.91 -12.05
CA MET B 216 -23.93 16.79 -13.03
C MET B 216 -23.90 16.19 -14.44
N ALA B 217 -24.09 14.87 -14.54
CA ALA B 217 -23.96 14.15 -15.81
C ALA B 217 -25.19 14.30 -16.72
N LEU B 218 -24.96 14.79 -17.94
CA LEU B 218 -25.96 14.81 -19.01
C LEU B 218 -26.39 13.41 -19.40
N ASP B 219 -25.44 12.47 -19.39
CA ASP B 219 -25.65 11.08 -19.77
C ASP B 219 -24.88 10.23 -18.76
N PRO B 220 -25.54 9.27 -18.10
CA PRO B 220 -24.89 8.53 -16.99
C PRO B 220 -23.68 7.64 -17.34
N ALA B 221 -23.40 7.44 -18.63
CA ALA B 221 -22.14 6.81 -19.06
C ALA B 221 -20.93 7.73 -18.85
N LYS B 222 -21.17 9.05 -18.90
CA LYS B 222 -20.12 10.04 -18.76
C LYS B 222 -19.86 10.57 -17.33
N ARG B 223 -20.47 9.98 -16.32
CA ARG B 223 -20.27 10.46 -14.94
C ARG B 223 -18.92 10.13 -14.28
N ASP B 224 -18.10 9.29 -14.92
CA ASP B 224 -16.74 9.04 -14.43
C ASP B 224 -15.70 9.88 -15.18
N TYR B 225 -16.18 10.84 -15.97
CA TYR B 225 -15.29 11.86 -16.53
C TYR B 225 -14.82 12.74 -15.42
N ILE B 226 -13.77 13.50 -15.68
CA ILE B 226 -13.48 14.64 -14.87
C ILE B 226 -14.48 15.68 -15.30
N TYR B 227 -15.05 16.38 -14.33
CA TYR B 227 -15.85 17.56 -14.57
C TYR B 227 -15.14 18.78 -14.01
N VAL B 228 -14.96 19.78 -14.87
CA VAL B 228 -14.56 21.12 -14.46
C VAL B 228 -15.87 21.92 -14.44
N HIS B 229 -16.24 22.49 -13.29
CA HIS B 229 -17.41 23.36 -13.21
C HIS B 229 -17.02 24.82 -13.05
N PHE B 230 -17.24 25.58 -14.12
CA PHE B 230 -17.00 27.01 -14.11
C PHE B 230 -18.00 27.59 -13.13
N LEU B 231 -17.55 28.50 -12.26
CA LEU B 231 -18.48 29.25 -11.40
C LEU B 231 -18.65 30.69 -11.88
N PRO B 232 -19.82 31.30 -11.59
CA PRO B 232 -20.06 32.71 -11.99
C PRO B 232 -19.40 33.78 -11.10
N LEU B 233 -18.11 33.61 -10.86
CA LEU B 233 -17.28 34.64 -10.25
C LEU B 233 -16.11 34.81 -11.18
N GLU B 234 -15.24 35.76 -10.88
CA GLU B 234 -14.06 35.93 -11.71
C GLU B 234 -13.03 34.80 -11.48
N ASP B 235 -12.64 34.16 -12.58
CA ASP B 235 -11.58 33.15 -12.64
C ASP B 235 -11.67 32.09 -11.55
N THR B 236 -12.85 31.50 -11.43
CA THR B 236 -13.15 30.57 -10.38
C THR B 236 -13.80 29.31 -10.94
N TRP B 237 -13.35 28.16 -10.45
CA TRP B 237 -13.90 26.91 -10.92
C TRP B 237 -13.68 25.80 -9.90
N MET B 238 -14.31 24.67 -10.20
CA MET B 238 -14.33 23.53 -9.31
C MET B 238 -13.97 22.31 -10.11
N TRP B 239 -13.35 21.34 -9.46
CA TRP B 239 -13.13 20.05 -10.08
C TRP B 239 -13.91 18.97 -9.40
N GLN B 240 -14.23 17.93 -10.16
CA GLN B 240 -14.92 16.79 -9.63
C GLN B 240 -14.28 15.55 -10.18
N ILE B 241 -13.57 14.83 -9.32
CA ILE B 241 -12.78 13.72 -9.78
C ILE B 241 -13.16 12.45 -9.02
N PRO B 242 -13.61 11.41 -9.73
CA PRO B 242 -13.83 10.10 -9.11
C PRO B 242 -12.57 9.55 -8.47
N ILE B 243 -12.74 8.88 -7.34
CA ILE B 243 -11.63 8.19 -6.70
C ILE B 243 -11.92 6.73 -6.47
N THR B 244 -13.13 6.42 -6.05
CA THR B 244 -13.67 5.05 -6.13
C THR B 244 -15.11 5.17 -6.66
N ASP B 245 -15.81 4.04 -6.72
CA ASP B 245 -17.25 4.03 -7.03
C ASP B 245 -17.94 5.07 -6.19
N THR B 246 -17.54 5.15 -4.92
CA THR B 246 -18.26 5.89 -3.89
C THR B 246 -17.62 7.21 -3.44
N ILE B 247 -16.28 7.31 -3.51
CA ILE B 247 -15.56 8.49 -3.04
C ILE B 247 -15.24 9.38 -4.22
N THR B 248 -15.38 10.69 -4.03
CA THR B 248 -15.12 11.69 -5.08
C THR B 248 -14.29 12.85 -4.48
N SER B 249 -13.27 13.32 -5.22
CA SER B 249 -12.41 14.42 -4.77
C SER B 249 -12.92 15.71 -5.35
N VAL B 250 -13.22 16.69 -4.50
CA VAL B 250 -13.76 17.97 -4.96
C VAL B 250 -12.92 19.13 -4.44
N GLY B 251 -12.72 20.11 -5.31
CA GLY B 251 -11.90 21.26 -4.94
C GLY B 251 -12.30 22.51 -5.67
N VAL B 252 -11.99 23.64 -5.07
CA VAL B 252 -12.34 24.93 -5.62
C VAL B 252 -11.03 25.62 -5.93
N VAL B 253 -11.02 26.39 -7.01
CA VAL B 253 -9.85 27.18 -7.35
C VAL B 253 -10.26 28.60 -7.69
N THR B 254 -9.55 29.54 -7.09
CA THR B 254 -9.87 30.92 -7.21
C THR B 254 -8.60 31.74 -7.02
N GLN B 255 -8.71 33.05 -7.11
CA GLN B 255 -7.56 33.92 -6.92
C GLN B 255 -7.27 34.03 -5.42
N LYS B 256 -5.99 34.02 -5.01
CA LYS B 256 -5.61 34.21 -3.59
C LYS B 256 -6.24 35.49 -3.08
N HIS B 257 -6.20 36.54 -3.90
CA HIS B 257 -6.79 37.82 -3.52
C HIS B 257 -8.23 37.67 -3.05
N ARG B 258 -9.01 36.85 -3.73
CA ARG B 258 -10.41 36.64 -3.31
C ARG B 258 -10.43 36.06 -1.91
N PHE B 259 -9.59 35.04 -1.69
CA PHE B 259 -9.53 34.32 -0.43
C PHE B 259 -9.07 35.22 0.69
N LYS B 260 -8.03 36.03 0.43
CA LYS B 260 -7.60 37.10 1.36
C LYS B 260 -8.63 38.23 1.47
N ALA B 261 -9.32 38.58 0.39
CA ALA B 261 -10.35 39.60 0.50
C ALA B 261 -11.43 39.22 1.55
N ALA B 262 -11.72 37.92 1.64
CA ALA B 262 -12.65 37.39 2.65
C ALA B 262 -12.01 37.27 4.06
N SER B 263 -12.73 36.73 5.03
CA SER B 263 -12.03 36.21 6.23
C SER B 263 -11.60 34.79 5.93
N ASP B 265 -11.89 31.73 6.66
CA ASP B 265 -11.75 30.30 7.10
C ASP B 265 -12.00 29.32 5.95
N ARG B 266 -11.14 28.30 5.90
CA ARG B 266 -11.04 27.46 4.74
C ARG B 266 -12.38 26.80 4.44
N GLU B 267 -13.04 26.26 5.46
CA GLU B 267 -14.32 25.61 5.22
C GLU B 267 -15.40 26.57 4.79
N LYS B 268 -15.61 27.64 5.57
CA LYS B 268 -16.66 28.60 5.28
C LYS B 268 -16.51 29.13 3.87
N PHE B 269 -15.26 29.35 3.45
CA PHE B 269 -14.98 29.96 2.16
C PHE B 269 -15.28 29.00 1.03
N PHE B 270 -14.90 27.74 1.22
CA PHE B 270 -15.19 26.70 0.25
C PHE B 270 -16.70 26.68 -0.06
N TRP B 271 -17.54 26.74 0.97
CA TRP B 271 -18.98 26.58 0.75
C TRP B 271 -19.58 27.82 0.17
N ASP B 272 -19.07 28.98 0.60
CA ASP B 272 -19.53 30.25 0.06
C ASP B 272 -19.37 30.19 -1.45
N ILE B 273 -18.17 29.83 -1.89
CA ILE B 273 -17.83 29.83 -3.31
C ILE B 273 -18.69 28.82 -4.08
N VAL B 274 -18.81 27.61 -3.53
CA VAL B 274 -19.66 26.58 -4.11
C VAL B 274 -21.12 27.03 -4.16
N SER B 275 -21.55 27.84 -3.20
CA SER B 275 -22.93 28.35 -3.14
C SER B 275 -23.35 29.21 -4.33
N SER B 276 -22.39 29.73 -5.08
CA SER B 276 -22.66 30.42 -6.35
C SER B 276 -23.41 29.55 -7.37
N ARG B 277 -23.43 28.24 -7.15
CA ARG B 277 -24.20 27.34 -7.97
C ARG B 277 -25.06 26.39 -7.13
N LYS B 278 -26.38 26.59 -7.17
CA LYS B 278 -27.31 25.82 -6.35
C LYS B 278 -27.18 24.31 -6.57
N ASP B 279 -27.31 23.86 -7.81
CA ASP B 279 -27.37 22.43 -8.14
C ASP B 279 -26.25 21.63 -7.46
N ILE B 280 -25.01 22.09 -7.66
CA ILE B 280 -23.82 21.42 -7.10
C ILE B 280 -23.81 21.56 -5.58
N TYR B 281 -24.10 22.77 -5.10
CA TYR B 281 -24.17 23.02 -3.66
C TYR B 281 -25.06 21.96 -2.99
N ASP B 282 -26.29 21.85 -3.49
CA ASP B 282 -27.24 20.91 -2.93
C ASP B 282 -26.74 19.52 -3.11
N ALA B 283 -26.21 19.22 -4.28
CA ALA B 283 -25.69 17.87 -4.54
C ALA B 283 -24.61 17.50 -3.52
N LEU B 284 -23.65 18.39 -3.32
CA LEU B 284 -22.62 18.18 -2.29
C LEU B 284 -23.18 18.09 -0.89
N GLN B 285 -24.27 18.79 -0.63
CA GLN B 285 -24.94 18.71 0.67
C GLN B 285 -25.51 17.32 0.97
N LYS B 286 -25.79 16.50 -0.05
CA LYS B 286 -26.24 15.12 0.16
C LYS B 286 -25.07 14.18 0.56
N ALA B 287 -23.84 14.64 0.38
CA ALA B 287 -22.66 13.79 0.59
C ALA B 287 -22.09 13.88 2.01
N GLU B 288 -21.12 13.01 2.31
CA GLU B 288 -20.38 13.03 3.57
C GLU B 288 -18.91 13.32 3.25
N ARG B 289 -18.36 14.39 3.83
CA ARG B 289 -16.94 14.67 3.69
C ARG B 289 -16.12 13.64 4.50
N ILE B 290 -15.23 12.89 3.83
CA ILE B 290 -14.46 11.82 4.46
C ILE B 290 -13.01 12.20 4.85
N ARG B 291 -12.60 13.45 4.61
CA ARG B 291 -11.22 13.95 4.88
C ARG B 291 -11.24 15.44 5.22
N PRO B 292 -10.28 15.90 6.03
CA PRO B 292 -10.25 17.32 6.33
C PRO B 292 -9.95 18.15 5.09
N PHE B 293 -10.37 19.41 5.11
CA PHE B 293 -10.02 20.33 4.03
C PHE B 293 -8.55 20.67 4.04
N LYS B 294 -7.87 20.51 2.90
CA LYS B 294 -6.48 20.94 2.74
C LYS B 294 -6.45 22.05 1.70
N ALA B 295 -5.42 22.89 1.75
CA ALA B 295 -5.26 24.02 0.82
C ALA B 295 -3.93 23.93 0.04
N GLU B 296 -3.92 24.43 -1.17
CA GLU B 296 -2.73 24.51 -1.95
C GLU B 296 -2.61 25.95 -2.36
N GLY B 297 -1.42 26.52 -2.22
CA GLY B 297 -1.17 27.88 -2.56
C GLY B 297 0.23 28.15 -2.99
N ASP B 298 0.45 29.26 -3.65
CA ASP B 298 1.76 29.71 -4.15
C ASP B 298 2.45 28.72 -5.01
N TYR B 299 1.70 28.08 -5.88
CA TYR B 299 2.21 27.02 -6.71
C TYR B 299 2.59 27.32 -8.14
N SER B 300 2.54 28.56 -8.55
CA SER B 300 2.89 28.93 -9.88
C SER B 300 4.25 29.57 -9.86
N TYR B 301 5.23 28.93 -10.47
CA TYR B 301 6.61 29.42 -10.44
C TYR B 301 7.42 28.76 -11.53
N ALA B 302 8.57 29.33 -11.82
CA ALA B 302 9.54 28.70 -12.72
C ALA B 302 10.95 28.85 -12.15
N MET B 303 11.95 28.34 -12.87
CA MET B 303 13.34 28.34 -12.41
C MET B 303 14.26 28.89 -13.50
N ARG B 304 15.24 29.72 -13.17
CA ARG B 304 16.14 30.30 -14.19
C ARG B 304 17.07 29.27 -14.78
N GLN B 305 17.51 28.33 -13.95
CA GLN B 305 18.31 27.19 -14.37
C GLN B 305 17.57 25.95 -13.88
N ILE B 306 17.48 24.92 -14.72
CA ILE B 306 16.96 23.63 -14.29
C ILE B 306 18.02 22.54 -14.37
N CYS B 307 19.28 22.93 -14.57
CA CYS B 307 20.36 22.00 -14.54
C CYS B 307 21.68 22.71 -14.30
N GLY B 308 22.65 21.97 -13.78
CA GLY B 308 23.97 22.51 -13.59
C GLY B 308 24.94 21.37 -13.49
N ASP B 309 26.15 21.67 -13.08
CA ASP B 309 27.14 20.62 -12.86
C ASP B 309 26.66 19.70 -11.75
N ARG B 310 26.46 18.43 -12.09
CA ARG B 310 26.06 17.38 -11.15
C ARG B 310 24.66 17.55 -10.56
N PHE B 311 23.77 18.30 -11.21
CA PHE B 311 22.35 18.32 -10.80
C PHE B 311 21.41 18.61 -11.94
N LEU B 312 20.17 18.19 -11.75
CA LEU B 312 19.05 18.65 -12.56
C LEU B 312 17.72 18.50 -11.82
N LEU B 313 16.73 19.24 -12.29
CA LEU B 313 15.44 19.30 -11.65
C LEU B 313 14.39 18.70 -12.58
N ILE B 314 13.51 17.86 -12.03
CA ILE B 314 12.39 17.29 -12.78
C ILE B 314 11.08 17.50 -12.03
N GLY B 315 9.97 17.25 -12.70
CA GLY B 315 8.64 17.41 -12.10
C GLY B 315 8.39 18.81 -11.58
N ASP B 316 7.52 18.91 -10.58
CA ASP B 316 7.12 20.23 -10.08
C ASP B 316 8.30 21.00 -9.48
N ALA B 317 9.37 20.29 -9.13
CA ALA B 317 10.62 20.91 -8.68
C ALA B 317 11.22 21.80 -9.72
N ALA B 318 10.94 21.54 -10.99
CA ALA B 318 11.41 22.35 -12.12
C ALA B 318 10.42 23.44 -12.53
N ARG B 319 9.13 23.14 -12.45
CA ARG B 319 8.09 24.13 -12.72
C ARG B 319 6.73 23.62 -12.34
N PHE B 320 5.83 24.56 -12.07
CA PHE B 320 4.40 24.26 -12.06
C PHE B 320 3.64 25.51 -12.39
N VAL B 321 2.46 25.33 -12.98
CA VAL B 321 1.66 26.46 -13.45
C VAL B 321 0.30 26.48 -12.72
N ASP B 322 -0.65 25.70 -13.22
CA ASP B 322 -2.00 25.69 -12.71
C ASP B 322 -2.66 24.38 -13.15
N PRO B 323 -3.44 23.73 -12.27
CA PRO B 323 -3.91 22.38 -12.52
C PRO B 323 -5.19 22.26 -13.34
N ILE B 324 -5.57 23.31 -14.07
CA ILE B 324 -6.79 23.32 -14.88
C ILE B 324 -6.87 22.18 -15.92
N PHE B 325 -5.74 21.70 -16.41
CA PHE B 325 -5.77 20.64 -17.43
C PHE B 325 -5.24 19.29 -16.97
N SER B 326 -5.04 19.13 -15.68
CA SER B 326 -4.82 17.81 -15.14
C SER B 326 -3.58 17.16 -15.73
N SER B 327 -2.52 17.94 -15.95
CA SER B 327 -1.38 17.47 -16.72
C SER B 327 -0.10 17.33 -15.89
N GLY B 328 -0.12 17.75 -14.64
CA GLY B 328 1.09 17.77 -13.80
C GLY B 328 1.83 16.46 -13.68
N VAL B 329 1.11 15.35 -13.53
CA VAL B 329 1.73 14.04 -13.38
C VAL B 329 2.35 13.60 -14.71
N SER B 330 1.68 13.88 -15.82
CA SER B 330 2.23 13.53 -17.13
C SER B 330 3.51 14.31 -17.37
N VAL B 331 3.55 15.55 -16.92
CA VAL B 331 4.77 16.34 -17.07
C VAL B 331 5.89 15.72 -16.22
N ALA B 332 5.55 15.33 -14.99
CA ALA B 332 6.52 14.75 -14.07
C ALA B 332 7.08 13.45 -14.61
N LEU B 333 6.19 12.62 -15.14
CA LEU B 333 6.55 11.37 -15.76
C LEU B 333 7.37 11.54 -17.04
N ASN B 334 6.97 12.46 -17.91
CA ASN B 334 7.70 12.67 -19.16
C ASN B 334 9.00 13.46 -18.99
N SER B 335 9.04 14.42 -18.07
CA SER B 335 10.32 15.04 -17.72
C SER B 335 11.31 14.02 -17.14
N ALA B 336 10.81 13.08 -16.34
CA ALA B 336 11.67 12.00 -15.87
C ALA B 336 12.20 11.20 -17.04
N ARG B 337 11.33 10.83 -17.97
CA ARG B 337 11.76 10.07 -19.15
C ARG B 337 12.87 10.76 -19.92
N LEU B 338 12.67 12.03 -20.23
CA LEU B 338 13.63 12.76 -21.04
C LEU B 338 14.97 12.99 -20.30
N ALA B 339 14.85 13.37 -19.04
CA ALA B 339 16.05 13.53 -18.20
C ALA B 339 16.87 12.24 -18.02
N ALA B 340 16.21 11.09 -18.10
CA ALA B 340 16.91 9.81 -17.95
C ALA B 340 17.89 9.60 -19.08
N LYS B 341 17.43 9.82 -20.32
CA LYS B 341 18.31 9.66 -21.50
C LYS B 341 19.62 10.46 -21.35
N ASP B 342 19.54 11.69 -20.85
CA ASP B 342 20.73 12.52 -20.62
C ASP B 342 21.59 12.02 -19.45
N VAL B 343 20.94 11.67 -18.34
CA VAL B 343 21.66 11.17 -17.18
C VAL B 343 22.39 9.87 -17.52
N ILE B 344 21.77 9.04 -18.34
CA ILE B 344 22.39 7.77 -18.72
C ILE B 344 23.58 7.98 -19.63
N ALA B 345 23.46 8.88 -20.60
CA ALA B 345 24.59 9.19 -21.48
C ALA B 345 25.76 9.84 -20.71
N ALA B 346 25.43 10.71 -19.75
CA ALA B 346 26.43 11.37 -18.91
C ALA B 346 27.21 10.37 -18.02
N HIS B 347 26.48 9.44 -17.42
CA HIS B 347 27.07 8.40 -16.63
C HIS B 347 28.01 7.53 -17.45
N ARG B 348 27.57 7.13 -18.64
CA ARG B 348 28.42 6.26 -19.46
C ARG B 348 29.70 6.99 -19.84
N ALA B 349 29.59 8.27 -20.21
CA ALA B 349 30.76 9.06 -20.61
C ALA B 349 31.59 9.63 -19.46
N GLY B 350 31.11 9.50 -18.22
CA GLY B 350 31.83 9.99 -17.06
C GLY B 350 31.94 11.50 -17.03
N ASP B 351 30.87 12.17 -17.41
CA ASP B 351 30.85 13.62 -17.53
C ASP B 351 29.49 14.26 -17.16
N PHE B 352 29.43 14.89 -15.98
CA PHE B 352 28.19 15.50 -15.49
C PHE B 352 28.29 17.00 -15.51
N LYS B 354 26.93 20.20 -16.76
CA LYS B 354 25.74 21.05 -17.06
C LYS B 354 25.32 20.89 -18.50
N GLU B 355 26.26 21.14 -19.42
CA GLU B 355 26.00 21.02 -20.85
C GLU B 355 25.63 19.61 -21.25
N SER B 356 26.04 18.60 -20.47
CA SER B 356 25.55 17.23 -20.65
C SER B 356 24.02 17.09 -20.58
N PHE B 357 23.32 18.09 -20.05
CA PHE B 357 21.88 18.01 -19.85
C PHE B 357 21.04 18.96 -20.72
N ALA B 358 21.62 19.55 -21.76
CA ALA B 358 20.94 20.61 -22.54
C ALA B 358 19.79 20.13 -23.44
N THR B 359 19.89 18.89 -23.89
CA THR B 359 18.83 18.28 -24.70
C THR B 359 17.53 18.20 -23.88
N TYR B 360 17.67 17.65 -22.68
CA TYR B 360 16.58 17.59 -21.72
C TYR B 360 16.02 18.98 -21.44
N GLU B 361 16.92 19.92 -21.11
CA GLU B 361 16.52 21.32 -20.88
C GLU B 361 15.70 21.92 -22.03
N GLU B 362 16.17 21.77 -23.28
CA GLU B 362 15.52 22.39 -24.44
C GLU B 362 14.15 21.76 -24.69
N LYS B 363 14.09 20.44 -24.58
CA LYS B 363 12.88 19.69 -24.85
C LYS B 363 11.79 19.94 -23.77
N LEU B 364 12.22 20.18 -22.53
CA LEU B 364 11.30 20.55 -21.46
C LEU B 364 10.92 22.04 -21.43
N ARG B 365 11.86 22.92 -21.75
CA ARG B 365 11.52 24.33 -21.88
C ARG B 365 10.33 24.42 -22.88
N ARG B 366 10.49 23.85 -24.07
CA ARG B 366 9.48 23.94 -25.13
C ARG B 366 8.17 23.33 -24.68
N ALA B 367 8.22 22.08 -24.22
CA ALA B 367 7.01 21.38 -23.73
C ALA B 367 6.16 22.19 -22.76
N VAL B 368 6.85 22.81 -21.82
CA VAL B 368 6.25 23.48 -20.69
C VAL B 368 5.79 24.89 -21.05
N ARG B 369 6.46 25.48 -22.04
CA ARG B 369 5.97 26.72 -22.63
C ARG B 369 4.57 26.47 -23.22
N ASN B 370 4.38 25.39 -23.96
CA ASN B 370 3.07 25.09 -24.53
C ASN B 370 1.98 24.95 -23.48
N TRP B 371 2.25 24.19 -22.43
CA TRP B 371 1.31 23.99 -21.34
C TRP B 371 0.94 25.33 -20.73
N TYR B 372 1.97 26.11 -20.42
CA TYR B 372 1.81 27.44 -19.85
C TYR B 372 0.91 28.34 -20.72
N GLU B 373 1.21 28.40 -22.01
CA GLU B 373 0.58 29.35 -22.89
C GLU B 373 -0.86 28.92 -23.13
N PHE B 374 -1.05 27.60 -23.18
CA PHE B 374 -2.37 27.03 -23.26
C PHE B 374 -3.21 27.35 -22.04
N ILE B 375 -2.61 27.34 -20.85
CA ILE B 375 -3.33 27.72 -19.61
C ILE B 375 -3.71 29.22 -19.55
N SER B 376 -2.82 30.11 -19.98
CA SER B 376 -3.09 31.55 -19.97
C SER B 376 -4.29 31.91 -20.84
N VAL B 377 -4.41 31.21 -21.96
CA VAL B 377 -5.54 31.40 -22.86
C VAL B 377 -6.83 31.01 -22.16
N TYR B 378 -6.82 29.85 -21.53
CA TYR B 378 -8.02 29.36 -20.86
C TYR B 378 -8.61 30.38 -19.92
N TYR B 379 -7.75 31.01 -19.13
CA TYR B 379 -8.21 31.98 -18.15
C TYR B 379 -8.72 33.28 -18.77
N ARG B 380 -8.17 33.68 -19.90
CA ARG B 380 -8.66 34.84 -20.59
C ARG B 380 -10.01 34.52 -21.25
N LEU B 381 -10.06 33.34 -21.81
CA LEU B 381 -11.23 32.78 -22.44
C LEU B 381 -12.32 32.46 -21.49
N ASN B 382 -11.99 31.95 -20.33
CA ASN B 382 -12.97 31.59 -19.32
C ASN B 382 -13.96 30.57 -19.89
N ILE B 383 -15.22 30.90 -19.82
CA ILE B 383 -16.37 30.15 -20.23
C ILE B 383 -16.47 29.95 -21.74
N LEU B 384 -15.88 30.85 -22.49
CA LEU B 384 -15.87 30.79 -23.90
C LEU B 384 -15.08 29.58 -24.35
N PHE B 385 -14.28 29.01 -23.47
CA PHE B 385 -13.47 27.86 -23.71
C PHE B 385 -14.33 26.68 -24.18
N THR B 386 -15.43 26.44 -23.47
CA THR B 386 -16.46 25.48 -23.89
C THR B 386 -16.65 25.42 -25.43
N ALA B 387 -16.65 26.59 -26.10
CA ALA B 387 -16.86 26.70 -27.56
C ALA B 387 -15.77 26.03 -28.37
N PHE B 388 -14.57 25.99 -27.82
CA PHE B 388 -13.44 25.40 -28.51
C PHE B 388 -13.38 23.91 -28.34
N VAL B 389 -13.90 23.40 -27.23
CA VAL B 389 -14.04 21.95 -27.08
C VAL B 389 -15.08 21.43 -28.08
N GLN B 390 -16.20 22.13 -28.17
CA GLN B 390 -17.35 21.64 -28.94
C GLN B 390 -17.32 21.93 -30.43
N ASP B 391 -16.58 22.96 -30.85
CA ASP B 391 -16.55 23.30 -32.27
C ASP B 391 -15.49 22.44 -33.00
N PRO B 392 -15.91 21.78 -34.11
CA PRO B 392 -15.06 20.78 -34.75
C PRO B 392 -13.86 21.33 -35.52
N ARG B 393 -13.83 22.62 -35.83
CA ARG B 393 -12.62 23.25 -36.37
C ARG B 393 -11.48 23.27 -35.33
N TYR B 394 -11.84 23.31 -34.04
CA TYR B 394 -10.88 23.47 -32.95
C TYR B 394 -10.79 22.23 -32.04
N ARG B 395 -11.88 21.48 -31.96
CA ARG B 395 -12.00 20.33 -31.06
C ARG B 395 -10.81 19.38 -31.06
N ILE B 396 -10.36 18.94 -32.22
CA ILE B 396 -9.32 17.91 -32.30
C ILE B 396 -7.94 18.49 -31.96
N ASP B 397 -7.67 19.74 -32.34
CA ASP B 397 -6.44 20.42 -31.92
C ASP B 397 -6.39 20.70 -30.42
N VAL B 398 -7.55 21.07 -29.86
CA VAL B 398 -7.63 21.35 -28.43
C VAL B 398 -7.44 20.07 -27.65
N LEU B 399 -7.92 18.98 -28.22
CA LEU B 399 -7.79 17.68 -27.59
C LEU B 399 -6.35 17.21 -27.52
N LYS B 400 -5.53 17.54 -28.51
CA LYS B 400 -4.08 17.23 -28.42
C LYS B 400 -3.51 17.79 -27.13
N MET B 401 -3.83 19.04 -26.83
CA MET B 401 -3.35 19.67 -25.61
C MET B 401 -3.91 18.98 -24.38
N LEU B 402 -5.22 18.76 -24.36
CA LEU B 402 -5.89 18.04 -23.27
C LEU B 402 -5.37 16.64 -23.03
N GLN B 403 -4.73 16.06 -24.04
CA GLN B 403 -4.14 14.73 -23.91
C GLN B 403 -2.76 14.77 -23.24
N GLY B 404 -2.20 15.95 -23.05
CA GLY B 404 -0.88 16.08 -22.46
C GLY B 404 0.24 15.97 -23.46
N ASP B 405 -0.11 16.00 -24.75
CA ASP B 405 0.82 15.74 -25.82
C ASP B 405 1.53 17.02 -26.25
N PHE B 406 2.60 17.41 -25.57
CA PHE B 406 3.33 18.58 -26.03
C PHE B 406 4.84 18.43 -26.11
N TYR B 407 5.28 17.22 -26.45
CA TYR B 407 6.69 16.90 -26.57
C TYR B 407 7.02 16.73 -28.08
N ASP B 408 6.64 17.73 -28.88
CA ASP B 408 6.77 17.73 -30.34
C ASP B 408 7.54 18.95 -30.78
N GLY B 409 8.11 18.90 -31.97
CA GLY B 409 8.66 20.12 -32.59
C GLY B 409 7.60 21.23 -32.75
N GLU B 410 6.61 20.96 -33.61
CA GLU B 410 5.60 21.96 -33.97
C GLU B 410 4.94 22.64 -32.76
N GLU B 411 4.75 23.96 -32.88
CA GLU B 411 3.82 24.74 -32.03
C GLU B 411 2.37 24.31 -32.27
N PRO B 412 1.62 23.96 -31.20
CA PRO B 412 0.28 23.47 -31.42
C PRO B 412 -0.61 24.49 -32.13
N LYS B 413 -1.38 24.01 -33.08
CA LYS B 413 -2.18 24.86 -33.94
C LYS B 413 -3.27 25.55 -33.14
N ALA B 414 -3.83 24.86 -32.16
CA ALA B 414 -4.95 25.40 -31.35
C ALA B 414 -4.55 26.63 -30.56
N LEU B 415 -3.34 26.58 -29.99
CA LEU B 415 -2.80 27.67 -29.18
C LEU B 415 -2.69 28.97 -29.99
N LYS B 416 -2.25 28.86 -31.25
CA LYS B 416 -2.17 30.02 -32.16
C LYS B 416 -3.56 30.62 -32.40
N ALA B 417 -4.51 29.77 -32.80
CA ALA B 417 -5.89 30.18 -33.04
C ALA B 417 -6.56 30.84 -31.84
N MET B 418 -6.38 30.25 -30.67
CA MET B 418 -7.01 30.75 -29.47
C MET B 418 -6.39 32.09 -29.09
N ARG B 419 -5.07 32.17 -29.08
CA ARG B 419 -4.37 33.41 -28.74
C ARG B 419 -4.83 34.55 -29.68
N ASP B 420 -4.78 34.32 -31.00
CA ASP B 420 -5.16 35.34 -31.99
C ASP B 420 -6.58 35.83 -31.75
N LEU B 421 -7.47 34.91 -31.41
CA LEU B 421 -8.86 35.23 -31.19
C LEU B 421 -9.12 35.96 -29.87
N VAL B 422 -8.36 35.62 -28.84
CA VAL B 422 -8.43 36.33 -27.57
C VAL B 422 -7.98 37.76 -27.76
N THR B 423 -6.92 37.95 -28.53
CA THR B 423 -6.47 39.30 -28.86
C THR B 423 -7.59 40.15 -29.51
N LYS B 424 -8.19 39.65 -30.59
CA LYS B 424 -9.17 40.43 -31.36
C LYS B 424 -10.33 40.83 -30.46
N VAL B 425 -10.77 39.89 -29.61
CA VAL B 425 -11.87 40.13 -28.67
C VAL B 425 -11.48 41.18 -27.65
N GLU B 426 -10.27 41.05 -27.08
CA GLU B 426 -9.76 41.98 -26.08
C GLU B 426 -9.71 43.41 -26.60
N ASN B 427 -9.25 43.58 -27.83
CA ASN B 427 -9.07 44.91 -28.39
C ASN B 427 -10.39 45.55 -28.86
N ASP B 428 -11.39 44.71 -29.15
CA ASP B 428 -12.68 45.18 -29.64
C ASP B 428 -13.77 45.09 -28.55
N PRO B 429 -14.17 46.25 -27.97
CA PRO B 429 -15.16 46.26 -26.86
C PRO B 429 -16.63 46.02 -27.27
N GLU B 430 -16.88 45.95 -28.59
CA GLU B 430 -18.22 45.64 -29.13
C GLU B 430 -18.34 44.21 -29.62
N HIS B 431 -17.27 43.42 -29.47
CA HIS B 431 -17.24 42.03 -29.90
C HIS B 431 -18.20 41.29 -28.99
N LEU B 432 -18.99 40.38 -29.55
CA LEU B 432 -20.05 39.68 -28.81
C LEU B 432 -19.55 38.96 -27.56
N TRP B 433 -18.31 38.52 -27.59
CA TRP B 433 -17.71 37.79 -26.48
C TRP B 433 -16.95 38.68 -25.49
N HIS B 434 -16.70 39.93 -25.83
CA HIS B 434 -16.00 40.83 -24.93
C HIS B 434 -16.49 40.84 -23.47
N PRO B 435 -17.81 40.77 -23.23
CA PRO B 435 -18.28 40.71 -21.84
C PRO B 435 -17.99 39.43 -21.05
N TYR B 436 -17.53 38.38 -21.74
CA TYR B 436 -17.38 37.05 -21.13
C TYR B 436 -15.91 36.70 -20.89
N LEU B 437 -15.03 37.64 -21.23
CA LEU B 437 -13.63 37.47 -20.94
C LEU B 437 -13.40 37.26 -19.47
N GLY B 438 -12.61 36.24 -19.14
CA GLY B 438 -12.00 36.13 -17.82
C GLY B 438 -11.12 37.35 -17.53
N THR B 439 -10.62 37.45 -16.32
CA THR B 439 -9.93 38.66 -15.90
C THR B 439 -8.45 38.49 -15.49
N LEU B 440 -7.91 37.28 -15.65
CA LEU B 440 -6.46 37.03 -15.51
C LEU B 440 -5.78 37.00 -16.86
N ARG B 441 -4.79 37.88 -17.06
CA ARG B 441 -3.97 37.94 -18.26
C ARG B 441 -2.48 37.62 -18.03
N ALA B 442 -2.04 36.47 -18.54
CA ALA B 442 -0.63 36.10 -18.86
C ALA B 442 0.58 36.79 -18.16
#